data_3K1W
#
_entry.id   3K1W
#
_cell.length_a   66.028
_cell.length_b   88.697
_cell.length_c   118.307
_cell.angle_alpha   90.00
_cell.angle_beta   90.00
_cell.angle_gamma   90.00
#
_symmetry.space_group_name_H-M   'P 21 21 21'
#
loop_
_entity.id
_entity.type
_entity.pdbx_description
1 polymer Renin
2 non-polymer 4-{4-[3-(2-bromo-5-fluorophenoxy)propyl]phenyl}-N-(2-chlorobenzyl)-N-cyclopropyl-1,2,5,6-tetrahydropyridine-3-carboxamide
3 non-polymer 'FORMIC ACID'
4 non-polymer 2-acetamido-2-deoxy-beta-D-glucopyranose
5 non-polymer 'CHLORIDE ION'
6 non-polymer 2-acetylamino-2-deoxy-alpha-L-idopyranose
7 water water
#
_entity_poly.entity_id   1
_entity_poly.type   'polypeptide(L)'
_entity_poly.pdbx_seq_one_letter_code
;LTLGNTTSSVILTNYMDTQYYGEIGIGTPPQTFKVVFDTGSSNVWVPSSKCSRLYTACVYHKLFDASDSSSYKHNGTELT
LRYSTGTVSGFLSQDIITVGGITVTQMFGEVTEMPALPFMLAEFDGVVGMGFIEQAIGRVTPIFDNIISQGVLKEDVFSF
YYNRDSENSQSLGGQIVLGGSDPQHYEGNFHYINLIKTGVWQIQMKGVSVGSSTLLCEDGCLALVDTGASYISGSTSSIE
KLMEALGAKKRLFDYVVKCNEGPTLPDISFHLGGKEYTLTSADYVFQESYSSKKLCTLAIHAMDIPPPTGPTWALGATFI
RKFYTEFDRRNNRIGFALARH
;
_entity_poly.pdbx_strand_id   A,B
#
# COMPACT_ATOMS: atom_id res chain seq x y z
N GLY A 4 -9.13 37.93 16.68
CA GLY A 4 -9.06 38.25 15.23
C GLY A 4 -10.42 38.22 14.55
N ASN A 5 -10.48 38.72 13.32
CA ASN A 5 -11.74 38.74 12.57
C ASN A 5 -11.57 38.19 11.16
N THR A 6 -10.91 37.03 11.05
CA THR A 6 -10.64 36.42 9.75
C THR A 6 -11.50 35.20 9.51
N THR A 7 -12.01 35.11 8.28
CA THR A 7 -12.45 33.84 7.73
C THR A 7 -11.64 33.63 6.46
N SER A 8 -11.35 32.37 6.17
CA SER A 8 -10.65 32.00 4.94
C SER A 8 -11.54 30.97 4.27
N SER A 9 -11.81 31.14 2.98
CA SER A 9 -12.56 30.12 2.27
C SER A 9 -11.70 29.55 1.15
N VAL A 10 -11.91 28.28 0.85
CA VAL A 10 -11.21 27.61 -0.23
C VAL A 10 -12.23 26.88 -1.07
N ILE A 11 -12.20 27.16 -2.37
CA ILE A 11 -13.07 26.51 -3.34
C ILE A 11 -12.66 25.07 -3.55
N LEU A 12 -13.64 24.15 -3.54
CA LEU A 12 -13.34 22.76 -3.78
C LEU A 12 -13.85 22.28 -5.10
N THR A 13 -13.15 21.29 -5.63
CA THR A 13 -13.56 20.58 -6.82
C THR A 13 -14.20 19.26 -6.41
N ASN A 14 -15.33 18.95 -7.06
CA ASN A 14 -16.00 17.67 -6.89
C ASN A 14 -15.64 16.72 -8.03
N TYR A 15 -14.87 15.67 -7.72
CA TYR A 15 -14.63 14.61 -8.67
C TYR A 15 -15.62 13.48 -8.41
N MET A 16 -16.59 13.32 -9.32
CA MET A 16 -17.47 12.14 -9.36
C MET A 16 -18.24 11.83 -8.06
N ASP A 17 -18.52 12.86 -7.29
CA ASP A 17 -19.21 12.70 -6.01
C ASP A 17 -18.41 11.92 -4.95
N THR A 18 -17.14 11.63 -5.20
CA THR A 18 -16.38 10.80 -4.26
C THR A 18 -15.13 11.44 -3.72
N GLN A 19 -14.67 12.48 -4.39
CA GLN A 19 -13.44 13.19 -3.94
C GLN A 19 -13.69 14.67 -4.01
N TYR A 20 -13.43 15.37 -2.90
CA TYR A 20 -13.64 16.82 -2.84
C TYR A 20 -12.33 17.41 -2.36
N TYR A 21 -11.72 18.28 -3.18
N TYR A 21 -11.75 18.30 -3.18
CA TYR A 21 -10.35 18.76 -2.89
CA TYR A 21 -10.39 18.78 -2.90
C TYR A 21 -10.14 20.21 -3.33
C TYR A 21 -10.22 20.24 -3.26
N GLY A 22 -9.24 20.88 -2.65
CA GLY A 22 -8.96 22.30 -2.94
C GLY A 22 -7.49 22.54 -2.79
N GLU A 23 -7.08 23.75 -3.09
CA GLU A 23 -5.65 24.00 -3.16
C GLU A 23 -5.07 24.50 -1.84
N ILE A 24 -3.83 24.08 -1.54
CA ILE A 24 -2.94 24.74 -0.56
C ILE A 24 -1.59 25.02 -1.24
N GLY A 25 -0.81 25.89 -0.60
CA GLY A 25 0.56 26.13 -1.08
C GLY A 25 1.54 25.82 0.04
N ILE A 26 2.65 25.15 -0.30
CA ILE A 26 3.67 24.85 0.70
C ILE A 26 5.01 25.39 0.22
N GLY A 27 5.69 26.14 1.08
CA GLY A 27 7.10 26.49 0.79
C GLY A 27 7.23 27.89 0.22
N THR A 28 8.49 28.28 -0.03
CA THR A 28 8.81 29.58 -0.60
C THR A 28 9.75 29.35 -1.77
N PRO A 29 9.33 29.63 -3.01
CA PRO A 29 7.96 30.08 -3.34
C PRO A 29 6.96 28.93 -3.12
N PRO A 30 5.66 29.22 -3.11
CA PRO A 30 4.69 28.16 -2.86
C PRO A 30 4.64 27.12 -3.96
N GLN A 31 4.66 25.85 -3.52
CA GLN A 31 4.38 24.70 -4.34
C GLN A 31 2.94 24.33 -4.03
N THR A 32 2.09 24.30 -5.06
CA THR A 32 0.66 24.06 -4.77
C THR A 32 0.27 22.62 -4.92
N PHE A 33 -0.70 22.21 -4.08
CA PHE A 33 -1.19 20.84 -4.05
C PHE A 33 -2.68 20.86 -3.92
N LYS A 34 -3.33 19.97 -4.66
CA LYS A 34 -4.74 19.71 -4.41
C LYS A 34 -4.86 18.72 -3.25
N VAL A 35 -5.69 19.07 -2.27
CA VAL A 35 -5.79 18.20 -1.08
C VAL A 35 -7.23 18.05 -0.61
N VAL A 36 -7.49 16.87 -0.07
CA VAL A 36 -8.76 16.64 0.67
C VAL A 36 -8.61 17.16 2.08
N PHE A 37 -9.59 17.94 2.54
CA PHE A 37 -9.57 18.40 3.94
C PHE A 37 -10.42 17.39 4.69
N ASP A 38 -9.78 16.65 5.59
CA ASP A 38 -10.27 15.34 6.10
C ASP A 38 -10.46 15.33 7.60
N THR A 39 -11.70 15.38 8.08
CA THR A 39 -11.93 15.35 9.55
C THR A 39 -11.67 13.99 10.19
N GLY A 40 -11.48 12.99 9.36
CA GLY A 40 -11.20 11.64 9.83
C GLY A 40 -9.72 11.33 9.97
N SER A 41 -8.87 12.34 9.86
CA SER A 41 -7.45 12.15 10.17
C SER A 41 -6.84 13.46 10.64
N SER A 42 -5.59 13.41 11.12
CA SER A 42 -5.04 14.53 11.84
C SER A 42 -3.68 15.02 11.35
N ASN A 43 -3.14 14.37 10.31
CA ASN A 43 -1.83 14.75 9.75
C ASN A 43 -1.98 15.39 8.37
N VAL A 44 -0.98 16.17 8.00
CA VAL A 44 -0.87 16.73 6.66
C VAL A 44 0.12 15.82 5.94
N TRP A 45 -0.29 15.34 4.78
CA TRP A 45 0.57 14.49 3.94
C TRP A 45 0.59 15.05 2.52
N VAL A 46 1.79 15.13 1.92
CA VAL A 46 1.94 15.39 0.48
C VAL A 46 3.01 14.42 -0.04
N PRO A 47 3.01 14.06 -1.33
CA PRO A 47 4.05 13.16 -1.84
C PRO A 47 5.41 13.87 -1.80
N SER A 48 6.46 13.12 -1.50
CA SER A 48 7.82 13.68 -1.50
C SER A 48 8.45 13.61 -2.89
N SER A 49 9.33 14.56 -3.21
CA SER A 49 10.16 14.45 -4.41
C SER A 49 11.06 13.21 -4.29
N LYS A 50 11.21 12.70 -3.06
CA LYS A 50 11.98 11.47 -2.79
C LYS A 50 11.19 10.19 -3.03
N CYS A 51 9.92 10.31 -3.38
CA CYS A 51 9.12 9.13 -3.72
C CYS A 51 9.59 8.62 -5.06
N SER A 52 10.02 7.36 -5.11
CA SER A 52 10.48 6.73 -6.36
C SER A 52 9.42 6.90 -7.44
N ARG A 53 9.87 7.12 -8.67
CA ARG A 53 8.94 7.22 -9.79
C ARG A 53 8.32 5.86 -10.11
N LEU A 54 8.82 4.82 -9.44
CA LEU A 54 8.27 3.47 -9.54
C LEU A 54 7.13 3.22 -8.55
N TYR A 55 6.59 4.30 -8.00
CA TYR A 55 5.29 4.23 -7.29
C TYR A 55 4.25 4.96 -8.10
N THR A 56 3.26 4.21 -8.60
CA THR A 56 2.22 4.82 -9.41
C THR A 56 1.43 5.83 -8.59
N ALA A 57 1.36 5.61 -7.29
CA ALA A 57 0.66 6.54 -6.37
C ALA A 57 1.36 7.90 -6.24
N CYS A 58 2.63 7.96 -6.65
CA CYS A 58 3.38 9.22 -6.66
C CYS A 58 3.58 9.78 -8.06
N VAL A 59 3.75 8.91 -9.04
CA VAL A 59 4.16 9.32 -10.38
C VAL A 59 3.21 10.35 -11.00
N TYR A 60 1.91 10.24 -10.73
CA TYR A 60 0.94 11.11 -11.38
C TYR A 60 0.47 12.26 -10.50
N HIS A 61 1.13 12.43 -9.36
CA HIS A 61 0.76 13.53 -8.46
C HIS A 61 1.89 14.56 -8.37
N LYS A 62 1.59 15.72 -7.81
CA LYS A 62 2.59 16.74 -7.55
C LYS A 62 3.44 16.29 -6.39
N LEU A 63 4.74 16.62 -6.42
CA LEU A 63 5.67 16.18 -5.38
C LEU A 63 6.28 17.40 -4.71
N PHE A 64 6.32 17.38 -3.39
CA PHE A 64 6.95 18.50 -2.67
C PHE A 64 8.47 18.35 -2.73
N ASP A 65 9.15 19.40 -3.17
CA ASP A 65 10.61 19.37 -3.25
C ASP A 65 11.23 20.38 -2.26
N ALA A 66 11.79 19.87 -1.17
CA ALA A 66 12.32 20.71 -0.10
C ALA A 66 13.46 21.53 -0.64
N SER A 67 14.19 20.96 -1.61
N SER A 67 14.18 20.96 -1.61
CA SER A 67 15.34 21.64 -2.20
CA SER A 67 15.33 21.64 -2.21
C SER A 67 14.97 22.88 -3.03
C SER A 67 14.97 22.90 -2.99
N ASP A 68 13.68 23.12 -3.20
CA ASP A 68 13.19 24.33 -3.89
C ASP A 68 12.57 25.34 -2.94
N SER A 69 12.62 25.07 -1.64
CA SER A 69 11.98 25.94 -0.67
C SER A 69 12.95 26.57 0.29
N SER A 70 12.99 27.90 0.29
CA SER A 70 13.91 28.61 1.18
C SER A 70 13.44 28.62 2.63
N SER A 71 12.15 28.30 2.87
CA SER A 71 11.56 28.36 4.20
C SER A 71 11.45 26.99 4.92
N TYR A 72 11.83 25.93 4.22
CA TYR A 72 11.86 24.58 4.76
C TYR A 72 12.82 24.43 5.94
N LYS A 73 12.36 23.65 6.91
CA LYS A 73 13.19 23.22 8.03
C LYS A 73 13.09 21.73 8.18
N HIS A 74 14.24 21.08 8.06
N HIS A 74 14.23 21.06 8.04
CA HIS A 74 14.41 19.64 8.12
CA HIS A 74 14.30 19.62 8.07
C HIS A 74 13.97 19.07 9.48
C HIS A 74 13.89 19.10 9.45
N ASN A 75 13.40 17.88 9.47
CA ASN A 75 13.13 17.19 10.70
C ASN A 75 13.58 15.76 10.51
N GLY A 76 12.86 15.03 9.64
CA GLY A 76 13.29 13.71 9.17
C GLY A 76 12.79 12.51 9.95
N THR A 77 12.07 12.75 11.04
CA THR A 77 11.41 11.69 11.81
C THR A 77 10.53 10.86 10.89
N GLU A 78 10.69 9.55 10.94
CA GLU A 78 9.91 8.67 10.11
C GLU A 78 8.51 8.62 10.66
N LEU A 79 7.53 8.59 9.76
CA LEU A 79 6.16 8.34 10.17
C LEU A 79 5.47 7.40 9.23
N THR A 80 4.59 6.56 9.82
CA THR A 80 4.08 5.39 9.14
C THR A 80 2.61 5.25 9.45
N LEU A 81 1.85 4.88 8.42
CA LEU A 81 0.44 4.52 8.55
C LEU A 81 0.23 3.15 7.94
N ARG A 82 -0.22 2.22 8.77
CA ARG A 82 -0.52 0.85 8.35
C ARG A 82 -1.92 0.80 7.74
N TYR A 83 -2.02 1.33 6.51
CA TYR A 83 -3.28 1.43 5.79
C TYR A 83 -3.77 0.06 5.29
N SER A 84 -5.07 -0.05 4.99
CA SER A 84 -5.68 -1.35 4.61
C SER A 84 -4.98 -2.11 3.49
N THR A 85 -4.57 -1.37 2.45
CA THR A 85 -3.98 -1.98 1.26
C THR A 85 -2.45 -2.00 1.27
N GLY A 86 -1.83 -1.44 2.31
CA GLY A 86 -0.39 -1.46 2.45
C GLY A 86 0.10 -0.32 3.31
N THR A 87 1.41 -0.21 3.46
CA THR A 87 1.99 0.83 4.28
C THR A 87 2.14 2.14 3.48
N VAL A 88 1.75 3.24 4.12
CA VAL A 88 2.12 4.61 3.71
C VAL A 88 3.22 5.10 4.69
N SER A 89 4.41 5.39 4.18
CA SER A 89 5.39 5.95 5.08
C SER A 89 6.07 7.12 4.43
N GLY A 90 6.62 7.97 5.29
CA GLY A 90 7.40 9.10 4.81
C GLY A 90 8.16 9.68 5.96
N PHE A 91 8.43 10.97 5.89
CA PHE A 91 9.18 11.63 6.96
C PHE A 91 8.66 13.04 7.21
N LEU A 92 8.95 13.53 8.42
CA LEU A 92 8.49 14.81 8.87
C LEU A 92 9.35 15.95 8.37
N SER A 93 8.67 17.02 7.95
CA SER A 93 9.29 18.27 7.46
C SER A 93 8.47 19.42 7.96
N GLN A 94 9.07 20.60 8.03
CA GLN A 94 8.35 21.80 8.43
C GLN A 94 8.46 22.84 7.31
N ASP A 95 7.36 23.52 6.99
CA ASP A 95 7.41 24.66 6.06
C ASP A 95 6.19 25.56 6.25
N ILE A 96 6.11 26.65 5.47
CA ILE A 96 4.99 27.55 5.51
C ILE A 96 3.89 27.01 4.60
N ILE A 97 2.67 26.94 5.12
CA ILE A 97 1.53 26.45 4.33
C ILE A 97 0.48 27.54 4.28
N THR A 98 0.01 27.84 3.07
CA THR A 98 -1.09 28.78 2.89
C THR A 98 -2.37 28.02 2.55
N VAL A 99 -3.44 28.36 3.25
CA VAL A 99 -4.77 27.82 2.99
C VAL A 99 -5.70 29.03 2.92
N GLY A 100 -6.18 29.34 1.72
CA GLY A 100 -6.86 30.60 1.46
C GLY A 100 -6.02 31.77 1.96
N GLY A 101 -6.60 32.60 2.80
CA GLY A 101 -5.90 33.79 3.29
C GLY A 101 -4.88 33.55 4.38
N ILE A 102 -4.81 32.32 4.89
CA ILE A 102 -4.06 32.04 6.11
C ILE A 102 -2.72 31.40 5.79
N THR A 103 -1.69 31.84 6.51
CA THR A 103 -0.34 31.34 6.35
C THR A 103 0.11 30.82 7.70
N VAL A 104 0.53 29.57 7.72
CA VAL A 104 0.84 28.90 8.97
C VAL A 104 2.11 28.06 8.83
N THR A 105 3.02 28.15 9.81
CA THR A 105 4.17 27.27 9.86
C THR A 105 3.71 25.92 10.39
N GLN A 106 3.97 24.88 9.59
CA GLN A 106 3.34 23.59 9.82
C GLN A 106 4.29 22.42 9.63
N MET A 107 4.22 21.44 10.55
CA MET A 107 4.92 20.17 10.36
C MET A 107 4.01 19.23 9.56
N PHE A 108 4.58 18.61 8.54
CA PHE A 108 3.84 17.71 7.68
C PHE A 108 4.66 16.49 7.28
N GLY A 109 3.99 15.45 6.80
CA GLY A 109 4.66 14.29 6.25
C GLY A 109 4.85 14.34 4.75
N GLU A 110 6.08 14.00 4.31
CA GLU A 110 6.44 13.82 2.94
C GLU A 110 6.42 12.31 2.68
N VAL A 111 5.45 11.84 1.88
CA VAL A 111 5.34 10.41 1.58
C VAL A 111 6.43 9.93 0.59
N THR A 112 7.14 8.86 0.94
CA THR A 112 8.12 8.25 0.03
C THR A 112 7.70 6.89 -0.49
N GLU A 113 6.65 6.29 0.09
CA GLU A 113 6.05 5.07 -0.46
C GLU A 113 4.62 4.95 0.00
N MET A 114 3.76 4.47 -0.89
CA MET A 114 2.36 4.20 -0.53
C MET A 114 1.84 3.28 -1.60
N PRO A 115 0.87 2.43 -1.25
CA PRO A 115 0.31 1.49 -2.22
C PRO A 115 -0.36 2.15 -3.42
N ALA A 116 -0.29 1.49 -4.57
CA ALA A 116 -0.88 1.98 -5.80
C ALA A 116 -2.42 2.10 -5.68
N LEU A 117 -3.04 1.19 -4.96
CA LEU A 117 -4.48 1.25 -4.73
C LEU A 117 -4.71 1.52 -3.26
N PRO A 118 -5.59 2.47 -2.91
CA PRO A 118 -6.41 3.25 -3.82
C PRO A 118 -5.77 4.55 -4.32
N PHE A 119 -4.57 4.86 -3.82
CA PHE A 119 -4.01 6.21 -3.99
C PHE A 119 -3.70 6.66 -5.41
N MET A 120 -3.45 5.72 -6.33
CA MET A 120 -3.25 6.10 -7.71
C MET A 120 -4.53 6.67 -8.35
N LEU A 121 -5.68 6.39 -7.75
CA LEU A 121 -6.97 6.79 -8.33
C LEU A 121 -7.43 8.11 -7.74
N ALA A 122 -6.63 8.67 -6.83
CA ALA A 122 -6.92 9.99 -6.30
C ALA A 122 -6.63 11.06 -7.35
N GLU A 123 -7.58 11.98 -7.55
CA GLU A 123 -7.34 13.14 -8.43
C GLU A 123 -6.64 14.29 -7.67
N PHE A 124 -6.58 14.16 -6.34
CA PHE A 124 -5.89 15.12 -5.48
C PHE A 124 -4.49 14.59 -5.15
N ASP A 125 -3.62 15.49 -4.69
CA ASP A 125 -2.21 15.19 -4.41
C ASP A 125 -1.91 14.86 -2.97
N GLY A 126 -2.77 15.30 -2.05
CA GLY A 126 -2.42 15.18 -0.64
C GLY A 126 -3.65 15.22 0.27
N VAL A 127 -3.38 15.19 1.57
CA VAL A 127 -4.43 15.16 2.58
C VAL A 127 -4.11 16.19 3.67
N VAL A 128 -5.10 16.97 4.07
CA VAL A 128 -4.95 17.87 5.18
C VAL A 128 -5.88 17.38 6.28
N GLY A 129 -5.32 16.77 7.32
CA GLY A 129 -6.15 16.24 8.39
C GLY A 129 -6.68 17.34 9.26
N MET A 130 -8.00 17.36 9.42
CA MET A 130 -8.72 18.38 10.21
C MET A 130 -9.16 17.84 11.59
N GLY A 131 -8.63 16.67 11.96
CA GLY A 131 -8.86 16.00 13.25
C GLY A 131 -7.99 16.59 14.36
N PHE A 132 -8.03 15.95 15.52
CA PHE A 132 -7.37 16.45 16.73
C PHE A 132 -6.00 15.81 16.91
N ILE A 133 -5.15 16.47 17.71
CA ILE A 133 -3.80 15.96 18.03
C ILE A 133 -3.82 14.56 18.67
N GLU A 134 -4.90 14.24 19.38
CA GLU A 134 -5.05 12.95 20.05
C GLU A 134 -4.87 11.81 19.05
N GLN A 135 -5.20 12.06 17.78
CA GLN A 135 -5.10 11.01 16.76
C GLN A 135 -4.03 11.27 15.70
N ALA A 136 -3.20 12.27 15.93
CA ALA A 136 -2.10 12.58 15.04
C ALA A 136 -0.96 11.57 15.13
N ILE A 137 -0.56 11.01 13.99
CA ILE A 137 0.62 10.15 13.98
C ILE A 137 1.81 10.98 14.45
N GLY A 138 2.57 10.45 15.40
CA GLY A 138 3.73 11.15 15.96
C GLY A 138 3.38 12.31 16.86
N ARG A 139 2.10 12.43 17.21
CA ARG A 139 1.57 13.57 17.99
C ARG A 139 1.95 14.92 17.39
N VAL A 140 2.00 14.96 16.06
CA VAL A 140 2.42 16.17 15.38
C VAL A 140 1.27 17.15 15.47
N THR A 141 1.53 18.39 15.87
CA THR A 141 0.47 19.39 16.03
C THR A 141 -0.29 19.61 14.72
N PRO A 142 -1.59 19.33 14.68
CA PRO A 142 -2.37 19.50 13.42
C PRO A 142 -2.52 20.92 12.96
N ILE A 143 -2.83 21.06 11.67
CA ILE A 143 -2.86 22.37 11.07
C ILE A 143 -3.88 23.32 11.68
N PHE A 144 -5.06 22.80 12.03
CA PHE A 144 -6.08 23.69 12.56
C PHE A 144 -5.68 24.11 13.97
N ASP A 145 -4.95 23.25 14.70
CA ASP A 145 -4.44 23.65 16.03
C ASP A 145 -3.51 24.84 15.85
N ASN A 146 -2.61 24.75 14.87
CA ASN A 146 -1.70 25.87 14.60
C ASN A 146 -2.38 27.15 14.11
N ILE A 147 -3.48 27.00 13.37
CA ILE A 147 -4.23 28.18 12.97
C ILE A 147 -4.95 28.81 14.18
N ILE A 148 -5.58 27.99 15.01
CA ILE A 148 -6.18 28.49 16.25
C ILE A 148 -5.15 29.31 17.07
N SER A 149 -3.92 28.81 17.18
CA SER A 149 -2.82 29.46 17.94
C SER A 149 -2.41 30.82 17.41
N GLN A 150 -2.67 31.09 16.13
CA GLN A 150 -2.32 32.39 15.55
C GLN A 150 -3.23 33.50 16.04
N GLY A 151 -4.41 33.11 16.52
CA GLY A 151 -5.39 34.02 17.08
C GLY A 151 -5.99 34.96 16.07
N VAL A 152 -6.21 34.47 14.85
CA VAL A 152 -6.69 35.31 13.74
C VAL A 152 -8.14 35.03 13.35
N LEU A 153 -8.61 33.82 13.64
CA LEU A 153 -9.94 33.39 13.22
C LEU A 153 -11.05 34.08 13.98
N LYS A 154 -12.10 34.46 13.27
CA LYS A 154 -13.29 35.04 13.86
C LYS A 154 -13.89 34.09 14.90
N GLU A 155 -13.97 32.81 14.54
CA GLU A 155 -14.43 31.75 15.44
C GLU A 155 -13.61 30.49 15.18
N ASP A 156 -13.40 29.67 16.22
CA ASP A 156 -12.58 28.45 16.07
C ASP A 156 -13.46 27.32 15.57
N VAL A 157 -13.97 27.52 14.37
CA VAL A 157 -14.80 26.51 13.72
C VAL A 157 -14.35 26.46 12.26
N PHE A 158 -14.71 25.37 11.56
CA PHE A 158 -14.56 25.34 10.11
C PHE A 158 -15.75 24.57 9.55
N SER A 159 -16.17 24.91 8.34
CA SER A 159 -17.40 24.41 7.78
C SER A 159 -17.22 23.89 6.36
N PHE A 160 -18.05 22.91 6.01
CA PHE A 160 -18.01 22.20 4.70
C PHE A 160 -19.31 22.24 3.93
N TYR A 161 -19.20 22.69 2.68
CA TYR A 161 -20.26 22.58 1.68
C TYR A 161 -19.75 21.67 0.57
N TYR A 162 -20.49 20.59 0.31
CA TYR A 162 -20.21 19.67 -0.81
C TYR A 162 -21.39 19.75 -1.77
N ASN A 163 -21.11 20.10 -3.01
CA ASN A 163 -22.18 20.09 -4.02
C ASN A 163 -22.40 18.72 -4.70
N ARG A 164 -23.51 18.58 -5.41
CA ARG A 164 -23.71 17.40 -6.24
C ARG A 164 -22.83 17.48 -7.49
N ASP A 165 -22.74 16.36 -8.21
CA ASP A 165 -21.95 16.13 -9.46
C ASP A 165 -20.88 15.04 -9.39
N SER A 171 -20.44 25.79 -12.04
CA SER A 171 -20.87 25.06 -10.84
C SER A 171 -19.75 24.89 -9.82
N LEU A 172 -20.05 25.25 -8.58
CA LEU A 172 -19.12 25.16 -7.47
C LEU A 172 -19.08 23.74 -6.90
N GLY A 173 -17.91 23.09 -6.89
CA GLY A 173 -17.81 21.70 -6.39
C GLY A 173 -18.07 21.62 -4.89
N GLY A 174 -17.66 22.67 -4.20
CA GLY A 174 -17.79 22.72 -2.76
C GLY A 174 -16.99 23.87 -2.22
N GLN A 175 -16.99 23.97 -0.90
CA GLN A 175 -16.30 25.08 -0.25
C GLN A 175 -15.99 24.70 1.19
N ILE A 176 -14.76 25.00 1.61
CA ILE A 176 -14.47 24.94 3.03
C ILE A 176 -14.29 26.37 3.54
N VAL A 177 -14.88 26.66 4.68
CA VAL A 177 -14.63 27.97 5.34
C VAL A 177 -13.91 27.75 6.66
N LEU A 178 -12.80 28.47 6.85
CA LEU A 178 -12.06 28.46 8.10
C LEU A 178 -12.45 29.69 8.88
N GLY A 179 -12.92 29.50 10.10
CA GLY A 179 -13.27 30.64 10.95
C GLY A 179 -14.74 30.96 10.99
N GLY A 180 -15.54 30.22 10.24
CA GLY A 180 -16.99 30.43 10.26
C GLY A 180 -17.70 29.51 9.30
N SER A 181 -18.87 29.94 8.86
CA SER A 181 -19.67 29.23 7.90
C SER A 181 -20.15 30.21 6.85
N ASP A 182 -20.71 29.70 5.77
CA ASP A 182 -21.18 30.55 4.68
C ASP A 182 -22.68 30.33 4.48
N PRO A 183 -23.49 31.29 4.93
CA PRO A 183 -24.95 31.13 4.94
C PRO A 183 -25.54 31.04 3.55
N GLN A 184 -24.78 31.45 2.53
CA GLN A 184 -25.18 31.31 1.14
C GLN A 184 -25.41 29.82 0.79
N HIS A 185 -24.74 28.92 1.51
CA HIS A 185 -24.80 27.49 1.18
C HIS A 185 -25.63 26.60 2.10
N TYR A 186 -26.40 27.22 3.00
CA TYR A 186 -27.33 26.43 3.79
C TYR A 186 -28.61 27.19 4.09
N GLU A 187 -29.59 26.48 4.60
CA GLU A 187 -30.83 27.12 4.93
C GLU A 187 -31.22 26.91 6.39
N GLY A 188 -31.87 27.93 6.96
CA GLY A 188 -32.21 27.89 8.36
C GLY A 188 -31.02 28.01 9.29
N ASN A 189 -31.14 27.36 10.44
CA ASN A 189 -30.13 27.41 11.47
C ASN A 189 -29.52 26.05 11.69
N PHE A 190 -28.31 26.02 12.23
CA PHE A 190 -27.67 24.77 12.60
C PHE A 190 -28.38 24.11 13.76
N HIS A 191 -28.36 22.79 13.79
CA HIS A 191 -28.62 22.00 15.00
C HIS A 191 -27.36 21.27 15.38
N TYR A 192 -27.04 21.29 16.68
CA TYR A 192 -25.75 20.80 17.19
C TYR A 192 -25.80 19.51 17.98
N ILE A 193 -24.72 18.75 17.91
CA ILE A 193 -24.51 17.57 18.75
C ILE A 193 -23.11 17.63 19.33
N ASN A 194 -22.98 17.44 20.64
CA ASN A 194 -21.69 17.42 21.29
C ASN A 194 -20.91 16.17 20.89
N LEU A 195 -19.58 16.30 20.77
CA LEU A 195 -18.72 15.13 20.63
C LEU A 195 -18.86 14.24 21.83
N ILE A 196 -18.75 12.93 21.61
CA ILE A 196 -18.73 12.01 22.74
C ILE A 196 -17.55 12.41 23.61
N LYS A 197 -16.39 12.59 22.98
CA LYS A 197 -15.21 13.07 23.67
C LYS A 197 -14.36 13.90 22.73
N THR A 198 -13.59 14.82 23.31
CA THR A 198 -12.66 15.56 22.50
C THR A 198 -11.62 14.58 21.98
N GLY A 199 -11.06 14.88 20.82
CA GLY A 199 -10.03 14.02 20.25
C GLY A 199 -10.45 13.35 18.97
N VAL A 200 -11.76 13.25 18.74
CA VAL A 200 -12.33 12.61 17.53
C VAL A 200 -13.63 13.30 17.11
N TRP A 201 -13.81 13.53 15.80
CA TRP A 201 -15.02 14.16 15.36
C TRP A 201 -16.14 13.13 15.25
N GLN A 202 -16.60 12.68 16.41
CA GLN A 202 -17.48 11.53 16.48
C GLN A 202 -18.58 11.79 17.48
N ILE A 203 -19.81 11.52 17.06
CA ILE A 203 -21.00 11.78 17.88
C ILE A 203 -21.83 10.54 18.11
N GLN A 204 -22.69 10.56 19.14
CA GLN A 204 -23.70 9.51 19.27
C GLN A 204 -24.79 9.57 18.18
N MET A 205 -25.17 8.39 17.69
CA MET A 205 -26.32 8.24 16.81
C MET A 205 -27.36 7.37 17.53
N LYS A 206 -28.61 7.74 17.40
CA LYS A 206 -29.70 7.15 18.21
C LYS A 206 -30.55 6.14 17.44
N GLY A 207 -30.24 5.95 16.17
CA GLY A 207 -30.91 4.95 15.35
C GLY A 207 -30.78 5.28 13.88
N VAL A 208 -30.95 4.24 13.06
CA VAL A 208 -31.04 4.43 11.62
C VAL A 208 -32.31 3.73 11.13
N SER A 209 -33.13 4.50 10.41
CA SER A 209 -34.45 4.08 9.96
C SER A 209 -34.49 3.92 8.45
N VAL A 210 -35.25 2.91 8.00
CA VAL A 210 -35.65 2.76 6.61
C VAL A 210 -37.14 3.04 6.55
N GLY A 211 -37.54 3.95 5.67
CA GLY A 211 -38.91 4.48 5.70
C GLY A 211 -39.26 5.03 7.09
N SER A 212 -40.43 4.65 7.59
CA SER A 212 -40.93 5.19 8.87
C SER A 212 -40.47 4.42 10.12
N SER A 213 -39.78 3.29 9.94
CA SER A 213 -39.40 2.43 11.06
C SER A 213 -37.90 2.28 11.28
N THR A 214 -37.48 2.40 12.55
CA THR A 214 -36.10 2.20 12.96
C THR A 214 -35.69 0.74 12.79
N LEU A 215 -34.72 0.51 11.91
CA LEU A 215 -34.24 -0.82 11.63
C LEU A 215 -32.97 -1.15 12.40
N LEU A 216 -32.11 -0.15 12.55
CA LEU A 216 -30.76 -0.39 13.03
C LEU A 216 -30.36 0.60 14.10
N CYS A 217 -29.28 0.28 14.82
CA CYS A 217 -28.72 1.17 15.83
C CYS A 217 -29.75 1.51 16.89
N GLU A 218 -30.60 0.52 17.22
CA GLU A 218 -31.72 0.75 18.12
C GLU A 218 -31.26 1.13 19.53
N ASP A 219 -30.18 0.51 19.99
CA ASP A 219 -29.63 0.74 21.31
C ASP A 219 -28.64 1.92 21.32
N GLY A 220 -28.36 2.47 20.15
CA GLY A 220 -27.37 3.54 20.02
C GLY A 220 -26.10 3.00 19.38
N CYS A 221 -25.34 3.91 18.78
CA CYS A 221 -24.13 3.57 18.04
C CYS A 221 -23.32 4.86 17.87
N LEU A 222 -22.17 4.76 17.20
CA LEU A 222 -21.31 5.93 17.02
C LEU A 222 -21.34 6.38 15.57
N ALA A 223 -21.23 7.69 15.36
CA ALA A 223 -21.09 8.27 14.02
C ALA A 223 -19.89 9.20 13.94
N LEU A 224 -18.89 8.79 13.14
CA LEU A 224 -17.73 9.61 12.82
C LEU A 224 -18.19 10.49 11.66
N VAL A 225 -17.97 11.81 11.74
CA VAL A 225 -18.41 12.68 10.66
C VAL A 225 -17.14 12.98 9.88
N ASP A 226 -16.99 12.31 8.72
CA ASP A 226 -15.70 12.20 8.05
C ASP A 226 -15.71 12.86 6.67
N THR A 227 -15.21 14.09 6.59
CA THR A 227 -15.25 14.83 5.31
C THR A 227 -14.38 14.26 4.21
N GLY A 228 -13.45 13.39 4.60
CA GLY A 228 -12.56 12.75 3.63
C GLY A 228 -13.06 11.41 3.10
N ALA A 229 -14.17 10.90 3.64
CA ALA A 229 -14.76 9.64 3.20
C ALA A 229 -15.76 9.91 2.07
N SER A 230 -15.79 9.03 1.06
CA SER A 230 -16.68 9.28 -0.06
C SER A 230 -18.13 9.01 0.28
N TYR A 231 -18.34 8.02 1.16
CA TYR A 231 -19.63 7.38 1.33
C TYR A 231 -20.16 7.47 2.76
N ILE A 232 -21.40 7.05 2.97
CA ILE A 232 -21.81 6.65 4.31
C ILE A 232 -21.34 5.22 4.49
N SER A 233 -20.70 4.92 5.62
CA SER A 233 -20.31 3.55 5.90
C SER A 233 -20.83 3.07 7.25
N GLY A 234 -21.06 1.76 7.34
CA GLY A 234 -21.33 1.12 8.63
C GLY A 234 -20.60 -0.19 8.68
N SER A 235 -20.66 -0.86 9.83
CA SER A 235 -20.02 -2.16 9.99
C SER A 235 -20.60 -3.13 8.97
N THR A 236 -19.84 -4.16 8.65
CA THR A 236 -20.32 -5.19 7.72
C THR A 236 -21.72 -5.68 8.10
N SER A 237 -21.95 -5.96 9.39
CA SER A 237 -23.25 -6.48 9.83
C SER A 237 -24.39 -5.48 9.70
N SER A 238 -24.16 -4.23 10.09
CA SER A 238 -25.17 -3.19 9.94
C SER A 238 -25.57 -2.96 8.48
N ILE A 239 -24.56 -2.91 7.63
CA ILE A 239 -24.79 -2.65 6.21
C ILE A 239 -25.50 -3.84 5.55
N GLU A 240 -25.15 -5.06 5.93
CA GLU A 240 -25.86 -6.26 5.42
C GLU A 240 -27.37 -6.17 5.68
N LYS A 241 -27.72 -5.71 6.87
CA LYS A 241 -29.10 -5.51 7.30
C LYS A 241 -29.79 -4.41 6.50
N LEU A 242 -29.10 -3.28 6.37
CA LEU A 242 -29.63 -2.13 5.67
C LEU A 242 -29.95 -2.51 4.23
N MET A 243 -29.01 -3.21 3.60
CA MET A 243 -29.11 -3.56 2.18
C MET A 243 -30.16 -4.62 1.94
N GLU A 244 -30.31 -5.53 2.90
CA GLU A 244 -31.44 -6.47 2.90
C GLU A 244 -32.77 -5.71 2.86
N ALA A 245 -32.91 -4.70 3.71
CA ALA A 245 -34.11 -3.87 3.78
C ALA A 245 -34.36 -3.07 2.49
N LEU A 246 -33.28 -2.75 1.77
CA LEU A 246 -33.37 -2.05 0.47
C LEU A 246 -33.55 -2.99 -0.72
N GLY A 247 -33.27 -4.28 -0.51
CA GLY A 247 -33.30 -5.26 -1.59
C GLY A 247 -32.08 -5.14 -2.51
N ALA A 248 -31.01 -4.57 -1.97
CA ALA A 248 -29.76 -4.38 -2.71
C ALA A 248 -28.93 -5.66 -2.77
N LYS A 249 -28.18 -5.82 -3.86
CA LYS A 249 -27.36 -7.01 -4.10
C LYS A 249 -25.89 -6.71 -3.86
N LYS A 250 -25.20 -7.62 -3.20
CA LYS A 250 -23.78 -7.46 -2.89
C LYS A 250 -22.88 -7.83 -4.07
N ARG A 251 -21.91 -6.96 -4.37
CA ARG A 251 -20.79 -7.28 -5.24
C ARG A 251 -19.52 -7.43 -4.40
N LEU A 252 -18.36 -7.49 -5.06
CA LEU A 252 -17.09 -7.69 -4.35
C LEU A 252 -16.57 -6.42 -3.66
N PHE A 253 -17.01 -5.26 -4.14
CA PHE A 253 -16.54 -3.99 -3.59
C PHE A 253 -17.65 -2.95 -3.36
N ASP A 254 -18.89 -3.30 -3.67
CA ASP A 254 -20.04 -2.39 -3.45
C ASP A 254 -21.37 -3.14 -3.42
N TYR A 255 -22.46 -2.40 -3.28
CA TYR A 255 -23.80 -2.96 -3.38
C TYR A 255 -24.51 -2.32 -4.56
N VAL A 256 -25.42 -3.07 -5.19
CA VAL A 256 -26.17 -2.58 -6.36
C VAL A 256 -27.67 -2.87 -6.27
N VAL A 257 -28.45 -2.09 -7.01
CA VAL A 257 -29.84 -2.40 -7.26
C VAL A 257 -30.07 -2.32 -8.79
N LYS A 258 -31.11 -2.98 -9.26
CA LYS A 258 -31.57 -2.79 -10.64
C LYS A 258 -31.89 -1.32 -10.82
N CYS A 259 -31.28 -0.69 -11.83
CA CYS A 259 -31.43 0.77 -11.99
C CYS A 259 -32.86 1.30 -11.98
N ASN A 260 -33.79 0.54 -12.55
CA ASN A 260 -35.20 0.94 -12.54
C ASN A 260 -35.83 1.00 -11.14
N GLU A 261 -35.22 0.30 -10.19
CA GLU A 261 -35.76 0.21 -8.86
C GLU A 261 -35.24 1.36 -7.98
N GLY A 262 -34.20 2.02 -8.46
CA GLY A 262 -33.58 3.13 -7.73
C GLY A 262 -34.54 4.18 -7.19
N PRO A 263 -35.33 4.84 -8.04
CA PRO A 263 -36.22 5.90 -7.56
C PRO A 263 -37.32 5.49 -6.57
N THR A 264 -37.54 4.18 -6.43
CA THR A 264 -38.58 3.69 -5.50
C THR A 264 -38.02 3.22 -4.18
N LEU A 265 -36.70 3.30 -4.02
CA LEU A 265 -36.06 2.90 -2.76
C LEU A 265 -36.50 3.82 -1.64
N PRO A 266 -36.61 3.28 -0.43
CA PRO A 266 -37.09 4.05 0.69
C PRO A 266 -36.06 5.06 1.21
N ASP A 267 -36.58 6.09 1.87
CA ASP A 267 -35.76 7.03 2.62
C ASP A 267 -34.93 6.29 3.68
N ILE A 268 -33.73 6.81 3.93
CA ILE A 268 -32.95 6.33 5.08
C ILE A 268 -32.71 7.50 6.00
N SER A 269 -33.01 7.33 7.29
CA SER A 269 -32.88 8.42 8.25
C SER A 269 -31.88 8.07 9.35
N PHE A 270 -31.08 9.08 9.70
CA PHE A 270 -30.07 9.02 10.74
C PHE A 270 -30.52 9.95 11.86
N HIS A 271 -30.76 9.39 13.05
CA HIS A 271 -31.24 10.16 14.18
C HIS A 271 -30.05 10.71 14.96
N LEU A 272 -29.83 12.02 14.85
CA LEU A 272 -28.65 12.64 15.41
C LEU A 272 -29.12 13.85 16.22
N GLY A 273 -28.79 13.87 17.51
CA GLY A 273 -29.24 14.95 18.36
C GLY A 273 -30.75 14.94 18.36
N GLY A 274 -31.35 16.10 18.20
CA GLY A 274 -32.81 16.21 18.30
C GLY A 274 -33.57 16.07 17.00
N LYS A 275 -32.92 15.56 15.96
CA LYS A 275 -33.48 15.62 14.60
C LYS A 275 -33.23 14.33 13.83
N GLU A 276 -34.10 14.00 12.88
CA GLU A 276 -33.83 12.94 11.90
C GLU A 276 -33.26 13.59 10.64
N TYR A 277 -32.18 13.01 10.13
CA TYR A 277 -31.53 13.50 8.93
C TYR A 277 -31.79 12.48 7.84
N THR A 278 -32.65 12.87 6.89
CA THR A 278 -33.22 11.93 5.93
C THR A 278 -32.56 12.06 4.58
N LEU A 279 -32.09 10.94 4.03
CA LEU A 279 -31.65 10.89 2.64
C LEU A 279 -32.70 10.15 1.86
N THR A 280 -33.10 10.69 0.71
CA THR A 280 -34.00 9.97 -0.18
C THR A 280 -33.15 9.15 -1.13
N SER A 281 -33.80 8.33 -1.96
CA SER A 281 -33.07 7.53 -2.96
C SER A 281 -32.13 8.36 -3.84
N ALA A 282 -32.58 9.57 -4.23
CA ALA A 282 -31.76 10.46 -5.04
C ALA A 282 -30.46 10.85 -4.36
N ASP A 283 -30.40 10.76 -3.02
CA ASP A 283 -29.21 11.15 -2.28
C ASP A 283 -28.21 10.00 -2.14
N TYR A 284 -28.64 8.78 -2.39
CA TYR A 284 -27.73 7.65 -2.17
C TYR A 284 -27.61 6.59 -3.29
N VAL A 285 -28.35 6.75 -4.38
CA VAL A 285 -28.24 5.85 -5.52
C VAL A 285 -27.51 6.57 -6.64
N PHE A 286 -26.49 5.93 -7.21
CA PHE A 286 -25.86 6.44 -8.42
C PHE A 286 -26.73 6.02 -9.59
N GLN A 287 -27.68 6.88 -9.94
CA GLN A 287 -28.67 6.63 -11.02
C GLN A 287 -28.02 6.89 -12.38
N GLU A 288 -27.17 5.97 -12.82
CA GLU A 288 -26.43 6.13 -14.09
C GLU A 288 -27.30 5.75 -15.28
N SER A 289 -28.47 5.19 -14.98
CA SER A 289 -29.43 4.69 -15.97
C SER A 289 -30.72 4.52 -15.19
N TYR A 290 -31.82 4.35 -15.92
CA TYR A 290 -33.11 3.92 -15.34
C TYR A 290 -33.56 2.55 -15.89
N SER A 291 -32.65 1.88 -16.58
CA SER A 291 -32.95 0.59 -17.24
C SER A 291 -33.01 -0.59 -16.28
N SER A 292 -34.01 -1.46 -16.49
CA SER A 292 -34.11 -2.73 -15.78
C SER A 292 -32.97 -3.69 -16.14
N LYS A 293 -32.23 -3.39 -17.19
CA LYS A 293 -31.13 -4.24 -17.65
C LYS A 293 -29.75 -3.82 -17.11
N LYS A 294 -29.73 -2.79 -16.27
CA LYS A 294 -28.48 -2.24 -15.75
C LYS A 294 -28.51 -2.23 -14.23
N LEU A 295 -27.32 -2.25 -13.63
CA LEU A 295 -27.17 -2.24 -12.17
C LEU A 295 -26.61 -0.91 -11.71
N CYS A 296 -27.20 -0.35 -10.64
CA CYS A 296 -26.84 0.96 -10.11
C CYS A 296 -26.23 0.84 -8.72
N THR A 297 -25.10 1.50 -8.51
CA THR A 297 -24.32 1.39 -7.26
C THR A 297 -24.89 2.36 -6.22
N LEU A 298 -24.81 1.95 -4.95
CA LEU A 298 -25.24 2.83 -3.84
C LEU A 298 -24.05 3.52 -3.18
N ALA A 299 -24.28 4.74 -2.71
CA ALA A 299 -23.24 5.56 -2.06
C ALA A 299 -23.14 5.27 -0.56
N ILE A 300 -23.34 4.00 -0.23
CA ILE A 300 -23.31 3.46 1.15
C ILE A 300 -22.51 2.17 1.05
N HIS A 301 -21.47 2.05 1.87
CA HIS A 301 -20.58 0.89 1.81
C HIS A 301 -20.36 0.34 3.21
N ALA A 302 -19.87 -0.89 3.28
CA ALA A 302 -19.42 -1.45 4.54
C ALA A 302 -17.97 -1.06 4.79
N MET A 303 -17.69 -0.66 6.03
CA MET A 303 -16.32 -0.46 6.46
C MET A 303 -16.23 -0.77 7.95
N ASP A 304 -15.38 -1.72 8.30
CA ASP A 304 -15.18 -2.03 9.71
C ASP A 304 -13.99 -1.22 10.20
N ILE A 305 -14.30 -0.12 10.86
CA ILE A 305 -13.28 0.76 11.39
C ILE A 305 -12.87 0.20 12.75
N PRO A 306 -11.58 -0.08 12.91
CA PRO A 306 -11.07 -0.68 14.14
C PRO A 306 -10.99 0.33 15.30
N PRO A 307 -10.95 -0.17 16.55
CA PRO A 307 -10.58 0.67 17.69
C PRO A 307 -9.28 1.44 17.44
N PRO A 308 -9.09 2.58 18.12
CA PRO A 308 -10.01 3.07 19.15
C PRO A 308 -11.30 3.70 18.59
N THR A 309 -11.20 4.37 17.45
CA THR A 309 -12.33 5.11 16.87
C THR A 309 -13.56 4.24 16.50
N GLY A 310 -13.32 3.09 15.86
CA GLY A 310 -14.41 2.15 15.56
C GLY A 310 -14.56 1.06 16.61
N PRO A 311 -15.58 0.18 16.48
CA PRO A 311 -16.53 0.18 15.36
C PRO A 311 -17.44 1.40 15.40
N THR A 312 -17.79 1.90 14.22
CA THR A 312 -18.56 3.12 14.13
C THR A 312 -19.14 3.25 12.71
N TRP A 313 -20.26 3.97 12.57
CA TRP A 313 -20.64 4.45 11.25
C TRP A 313 -19.74 5.63 10.90
N ALA A 314 -19.64 5.93 9.60
CA ALA A 314 -18.95 7.15 9.17
C ALA A 314 -19.87 7.87 8.20
N LEU A 315 -20.09 9.16 8.43
CA LEU A 315 -20.95 9.94 7.58
C LEU A 315 -20.01 10.77 6.69
N GLY A 316 -19.85 10.34 5.46
CA GLY A 316 -18.91 10.98 4.51
C GLY A 316 -19.67 11.88 3.55
N ALA A 317 -19.11 12.06 2.36
CA ALA A 317 -19.72 12.99 1.40
C ALA A 317 -21.19 12.71 1.07
N THR A 318 -21.60 11.45 1.06
CA THR A 318 -23.02 11.16 0.80
C THR A 318 -23.91 11.97 1.74
N PHE A 319 -23.48 12.06 2.99
CA PHE A 319 -24.27 12.76 4.01
C PHE A 319 -24.03 14.25 3.93
N ILE A 320 -22.76 14.63 3.77
CA ILE A 320 -22.41 16.05 3.82
C ILE A 320 -22.97 16.87 2.64
N ARG A 321 -23.10 16.24 1.47
CA ARG A 321 -23.77 16.89 0.32
C ARG A 321 -25.14 17.42 0.70
N LYS A 322 -25.89 16.65 1.47
CA LYS A 322 -27.23 17.08 1.84
C LYS A 322 -27.23 18.04 3.03
N PHE A 323 -26.31 17.80 3.97
CA PHE A 323 -26.24 18.62 5.19
C PHE A 323 -24.91 19.32 5.35
N TYR A 324 -24.95 20.62 5.07
CA TYR A 324 -23.86 21.55 5.36
C TYR A 324 -23.38 21.33 6.80
N THR A 325 -22.07 21.27 7.00
CA THR A 325 -21.56 20.81 8.29
C THR A 325 -20.55 21.75 8.87
N GLU A 326 -20.76 22.12 10.14
CA GLU A 326 -19.82 22.95 10.89
C GLU A 326 -19.17 22.18 12.02
N PHE A 327 -17.84 22.25 12.09
CA PHE A 327 -17.03 21.54 13.07
C PHE A 327 -16.50 22.59 14.01
N ASP A 328 -16.94 22.52 15.28
CA ASP A 328 -16.71 23.64 16.20
C ASP A 328 -15.75 23.20 17.31
N ARG A 329 -14.50 23.69 17.23
CA ARG A 329 -13.47 23.32 18.22
C ARG A 329 -13.66 24.06 19.55
N ARG A 330 -14.24 25.26 19.49
CA ARG A 330 -14.50 26.08 20.69
C ARG A 330 -15.39 25.30 21.66
N ASN A 331 -16.44 24.67 21.12
CA ASN A 331 -17.48 24.03 21.91
C ASN A 331 -17.52 22.50 21.79
N ASN A 332 -16.55 21.91 21.08
CA ASN A 332 -16.48 20.46 20.89
C ASN A 332 -17.85 19.91 20.46
N ARG A 333 -18.31 20.39 19.30
CA ARG A 333 -19.59 19.94 18.75
C ARG A 333 -19.57 20.02 17.24
N ILE A 334 -20.56 19.38 16.63
CA ILE A 334 -20.76 19.40 15.19
C ILE A 334 -22.15 19.97 14.97
N GLY A 335 -22.27 20.90 14.02
CA GLY A 335 -23.57 21.40 13.61
C GLY A 335 -23.95 21.07 12.18
N PHE A 336 -25.22 20.73 11.98
CA PHE A 336 -25.74 20.46 10.64
C PHE A 336 -26.84 21.41 10.24
N ALA A 337 -26.88 21.78 8.98
CA ALA A 337 -28.00 22.51 8.41
C ALA A 337 -28.23 21.95 7.01
N LEU A 338 -29.47 22.05 6.52
N LEU A 338 -29.46 22.06 6.51
CA LEU A 338 -29.76 21.63 5.15
CA LEU A 338 -29.77 21.59 5.16
C LEU A 338 -28.95 22.48 4.18
C LEU A 338 -29.04 22.45 4.12
N ALA A 339 -28.19 21.81 3.30
CA ALA A 339 -27.44 22.54 2.27
C ALA A 339 -28.35 23.15 1.23
N ARG A 340 -27.94 24.29 0.69
CA ARG A 340 -28.59 24.90 -0.48
C ARG A 340 -27.74 24.55 -1.70
N HIS A 341 -28.36 24.01 -2.74
CA HIS A 341 -27.65 23.77 -3.99
C HIS A 341 -28.24 24.64 -5.07
N LEU B 1 30.85 -7.67 -28.42
CA LEU B 1 32.22 -8.20 -28.09
C LEU B 1 32.48 -7.81 -26.65
N THR B 2 33.14 -8.69 -25.91
CA THR B 2 33.55 -8.38 -24.54
C THR B 2 35.01 -8.79 -24.37
N LEU B 3 35.66 -8.20 -23.35
CA LEU B 3 37.06 -8.53 -23.02
C LEU B 3 37.11 -9.33 -21.70
N GLY B 4 35.99 -9.96 -21.36
CA GLY B 4 35.89 -10.78 -20.17
C GLY B 4 35.77 -10.02 -18.85
N ASN B 5 35.42 -8.73 -18.89
CA ASN B 5 35.24 -7.96 -17.67
C ASN B 5 33.90 -7.22 -17.55
N THR B 6 32.87 -7.71 -18.23
CA THR B 6 31.62 -6.98 -18.29
C THR B 6 30.55 -7.47 -17.33
N THR B 7 29.90 -6.52 -16.66
CA THR B 7 28.73 -6.80 -15.82
C THR B 7 27.62 -5.82 -16.18
N SER B 8 26.44 -6.12 -15.66
CA SER B 8 25.31 -5.23 -15.83
C SER B 8 24.59 -5.09 -14.49
N SER B 9 23.96 -3.95 -14.26
CA SER B 9 23.30 -3.70 -12.99
C SER B 9 21.86 -3.26 -13.24
N VAL B 10 20.97 -3.64 -12.33
CA VAL B 10 19.60 -3.16 -12.33
C VAL B 10 19.30 -2.57 -10.95
N ILE B 11 18.88 -1.30 -10.91
CA ILE B 11 18.48 -0.67 -9.64
C ILE B 11 17.06 -1.11 -9.25
N LEU B 12 16.89 -1.38 -7.95
CA LEU B 12 15.61 -1.82 -7.41
C LEU B 12 15.01 -0.79 -6.48
N THR B 13 13.68 -0.78 -6.45
CA THR B 13 12.86 -0.09 -5.44
C THR B 13 12.41 -1.05 -4.34
N ASN B 14 12.45 -0.61 -3.08
CA ASN B 14 12.06 -1.38 -1.92
C ASN B 14 10.73 -0.85 -1.42
N TYR B 15 9.61 -1.53 -1.69
CA TYR B 15 8.33 -1.19 -1.07
C TYR B 15 8.15 -1.94 0.23
N MET B 16 8.16 -1.16 1.32
CA MET B 16 7.86 -1.63 2.70
C MET B 16 8.54 -2.94 3.15
N ASP B 17 9.77 -3.18 2.63
CA ASP B 17 10.56 -4.37 3.00
C ASP B 17 9.98 -5.69 2.51
N THR B 18 8.94 -5.64 1.68
CA THR B 18 8.30 -6.86 1.22
C THR B 18 8.30 -7.06 -0.29
N GLN B 19 8.54 -6.00 -1.06
CA GLN B 19 8.51 -6.09 -2.52
C GLN B 19 9.71 -5.33 -3.04
N TYR B 20 10.62 -6.05 -3.73
CA TYR B 20 11.77 -5.41 -4.36
C TYR B 20 11.69 -5.58 -5.85
N TYR B 21 11.72 -4.46 -6.60
CA TYR B 21 11.46 -4.55 -8.04
C TYR B 21 12.20 -3.48 -8.82
N GLY B 22 12.48 -3.80 -10.07
CA GLY B 22 13.13 -2.87 -10.96
C GLY B 22 12.47 -2.90 -12.32
N GLU B 23 13.03 -2.15 -13.26
CA GLU B 23 12.38 -2.02 -14.57
C GLU B 23 13.10 -2.84 -15.61
N ILE B 24 12.29 -3.44 -16.50
CA ILE B 24 12.78 -4.03 -17.75
C ILE B 24 11.97 -3.41 -18.90
N GLY B 25 12.49 -3.51 -20.12
CA GLY B 25 11.71 -3.15 -21.30
C GLY B 25 11.35 -4.39 -22.10
N ILE B 26 10.15 -4.42 -22.68
CA ILE B 26 9.79 -5.53 -23.56
C ILE B 26 9.34 -4.95 -24.90
N GLY B 27 9.90 -5.49 -25.98
CA GLY B 27 9.49 -5.10 -27.34
C GLY B 27 10.20 -3.91 -27.99
N THR B 28 9.78 -3.58 -29.20
CA THR B 28 10.37 -2.48 -29.96
C THR B 28 9.25 -1.54 -30.42
N PRO B 29 9.19 -0.30 -29.93
CA PRO B 29 10.06 0.23 -28.87
C PRO B 29 9.77 -0.40 -27.49
N PRO B 30 10.70 -0.30 -26.54
CA PRO B 30 10.50 -0.99 -25.25
C PRO B 30 9.24 -0.52 -24.57
N GLN B 31 8.43 -1.46 -24.09
CA GLN B 31 7.35 -1.16 -23.15
C GLN B 31 7.92 -1.52 -21.77
N THR B 32 7.78 -0.61 -20.81
CA THR B 32 8.48 -0.73 -19.51
C THR B 32 7.58 -1.38 -18.47
N PHE B 33 8.17 -2.32 -17.71
CA PHE B 33 7.45 -3.05 -16.69
C PHE B 33 8.30 -3.09 -15.44
N LYS B 34 7.63 -2.89 -14.31
CA LYS B 34 8.24 -3.13 -12.98
C LYS B 34 8.14 -4.62 -12.67
N VAL B 35 9.27 -5.24 -12.30
CA VAL B 35 9.28 -6.67 -12.09
C VAL B 35 10.10 -7.08 -10.88
N VAL B 36 9.65 -8.14 -10.21
CA VAL B 36 10.46 -8.80 -9.17
C VAL B 36 11.35 -9.81 -9.86
N PHE B 37 12.61 -9.83 -9.44
CA PHE B 37 13.57 -10.82 -9.95
C PHE B 37 13.58 -11.93 -8.92
N ASP B 38 13.10 -13.12 -9.32
CA ASP B 38 12.67 -14.14 -8.35
C ASP B 38 13.45 -15.45 -8.54
N THR B 39 14.37 -15.75 -7.63
CA THR B 39 15.08 -17.04 -7.76
C THR B 39 14.21 -18.25 -7.39
N GLY B 40 13.01 -18.03 -6.86
CA GLY B 40 12.08 -19.11 -6.56
C GLY B 40 11.18 -19.50 -7.72
N SER B 41 11.39 -18.92 -8.90
CA SER B 41 10.62 -19.31 -10.11
C SER B 41 11.46 -19.16 -11.36
N SER B 42 10.98 -19.69 -12.49
CA SER B 42 11.82 -19.76 -13.69
C SER B 42 11.23 -19.17 -14.97
N ASN B 43 10.03 -18.58 -14.87
CA ASN B 43 9.38 -17.99 -16.01
C ASN B 43 9.31 -16.49 -15.91
N VAL B 44 9.12 -15.86 -17.07
CA VAL B 44 8.85 -14.42 -17.11
C VAL B 44 7.34 -14.28 -17.34
N TRP B 45 6.70 -13.46 -16.50
CA TRP B 45 5.28 -13.14 -16.62
C TRP B 45 5.08 -11.64 -16.66
N VAL B 46 4.22 -11.16 -17.57
CA VAL B 46 3.74 -9.78 -17.54
C VAL B 46 2.27 -9.83 -17.94
N PRO B 47 1.48 -8.84 -17.58
CA PRO B 47 0.07 -8.85 -17.97
C PRO B 47 -0.11 -8.56 -19.47
N SER B 48 -1.10 -9.21 -20.07
CA SER B 48 -1.42 -8.99 -21.49
C SER B 48 -2.43 -7.86 -21.64
N SER B 49 -2.32 -7.11 -22.73
CA SER B 49 -3.40 -6.19 -23.14
C SER B 49 -4.75 -6.92 -23.28
N LYS B 50 -4.70 -8.22 -23.56
CA LYS B 50 -5.91 -9.03 -23.75
C LYS B 50 -6.51 -9.56 -22.46
N CYS B 51 -5.92 -9.19 -21.32
CA CYS B 51 -6.48 -9.58 -20.02
C CYS B 51 -7.78 -8.82 -19.76
N SER B 52 -8.85 -9.57 -19.52
CA SER B 52 -10.19 -8.99 -19.39
C SER B 52 -10.29 -7.99 -18.25
N ARG B 53 -11.17 -6.99 -18.44
CA ARG B 53 -11.39 -5.91 -17.47
C ARG B 53 -11.82 -6.42 -16.10
N LEU B 54 -12.27 -7.67 -16.05
CA LEU B 54 -12.83 -8.25 -14.82
C LEU B 54 -11.75 -8.83 -13.88
N TYR B 55 -10.50 -8.76 -14.32
CA TYR B 55 -9.36 -9.10 -13.46
C TYR B 55 -8.73 -7.82 -12.95
N THR B 56 -8.97 -7.53 -11.66
CA THR B 56 -8.51 -6.27 -11.07
C THR B 56 -6.98 -6.19 -11.06
N ALA B 57 -6.35 -7.34 -10.88
CA ALA B 57 -4.88 -7.44 -10.95
C ALA B 57 -4.32 -7.01 -12.32
N CYS B 58 -5.14 -7.05 -13.36
CA CYS B 58 -4.73 -6.56 -14.67
C CYS B 58 -5.04 -5.08 -14.85
N VAL B 59 -6.26 -4.68 -14.47
CA VAL B 59 -6.72 -3.30 -14.73
C VAL B 59 -5.84 -2.24 -14.08
N TYR B 60 -5.14 -2.61 -13.00
CA TYR B 60 -4.32 -1.64 -12.29
C TYR B 60 -2.81 -1.76 -12.52
N HIS B 61 -2.42 -2.65 -13.43
CA HIS B 61 -1.01 -2.81 -13.79
C HIS B 61 -0.78 -2.45 -15.25
N LYS B 62 0.49 -2.22 -15.60
CA LYS B 62 0.93 -2.05 -16.99
C LYS B 62 0.64 -3.32 -17.77
N LEU B 63 0.11 -3.17 -18.98
CA LEU B 63 -0.20 -4.33 -19.82
C LEU B 63 0.68 -4.32 -21.05
N PHE B 64 1.09 -5.50 -21.50
CA PHE B 64 1.88 -5.62 -22.70
C PHE B 64 0.97 -5.58 -23.93
N ASP B 65 1.27 -4.68 -24.85
CA ASP B 65 0.47 -4.58 -26.06
C ASP B 65 1.31 -5.06 -27.22
N ALA B 66 1.10 -6.33 -27.60
CA ALA B 66 1.88 -6.99 -28.64
C ALA B 66 1.85 -6.24 -29.98
N SER B 67 0.67 -5.72 -30.33
CA SER B 67 0.52 -5.02 -31.60
C SER B 67 1.31 -3.71 -31.69
N ASP B 68 1.89 -3.27 -30.57
CA ASP B 68 2.71 -2.07 -30.53
C ASP B 68 4.22 -2.34 -30.65
N SER B 69 4.60 -3.59 -30.84
CA SER B 69 6.02 -3.98 -30.93
C SER B 69 6.37 -4.63 -32.27
N SER B 70 7.31 -4.02 -32.97
CA SER B 70 7.76 -4.53 -34.27
C SER B 70 8.59 -5.82 -34.19
N SER B 71 9.03 -6.19 -32.98
CA SER B 71 9.84 -7.40 -32.78
C SER B 71 9.08 -8.56 -32.15
N TYR B 72 7.79 -8.36 -31.89
CA TYR B 72 6.97 -9.42 -31.30
C TYR B 72 6.81 -10.55 -32.29
N LYS B 73 6.91 -11.76 -31.77
CA LYS B 73 6.66 -12.95 -32.56
C LYS B 73 5.60 -13.74 -31.84
N HIS B 74 4.52 -14.03 -32.56
CA HIS B 74 3.42 -14.80 -31.99
C HIS B 74 3.86 -16.21 -31.72
N ASN B 75 3.39 -16.76 -30.61
CA ASN B 75 3.62 -18.15 -30.30
C ASN B 75 2.28 -18.79 -29.94
N GLY B 76 1.74 -18.41 -28.78
CA GLY B 76 0.36 -18.72 -28.45
C GLY B 76 0.12 -20.01 -27.68
N THR B 77 1.19 -20.75 -27.42
CA THR B 77 1.12 -21.88 -26.50
C THR B 77 0.48 -21.40 -25.20
N GLU B 78 -0.54 -22.12 -24.74
CA GLU B 78 -1.23 -21.74 -23.52
C GLU B 78 -0.42 -22.16 -22.32
N LEU B 79 -0.45 -21.32 -21.29
CA LEU B 79 0.30 -21.54 -20.07
C LEU B 79 -0.64 -21.54 -18.89
N THR B 80 -0.33 -22.33 -17.88
CA THR B 80 -1.10 -22.30 -16.65
C THR B 80 -0.22 -22.52 -15.45
N LEU B 81 -0.54 -21.81 -14.38
CA LEU B 81 0.07 -22.01 -13.10
C LEU B 81 -1.06 -22.12 -12.10
N ARG B 82 -1.19 -23.30 -11.50
CA ARG B 82 -2.22 -23.55 -10.50
C ARG B 82 -1.78 -22.92 -9.18
N TYR B 83 -1.90 -21.60 -9.09
CA TYR B 83 -1.48 -20.85 -7.92
C TYR B 83 -2.49 -21.00 -6.79
N SER B 84 -1.98 -20.93 -5.56
CA SER B 84 -2.74 -21.13 -4.32
C SER B 84 -4.14 -20.51 -4.31
N THR B 85 -4.19 -19.19 -4.54
CA THR B 85 -5.40 -18.39 -4.37
C THR B 85 -6.30 -18.41 -5.59
N GLY B 86 -5.81 -19.01 -6.67
CA GLY B 86 -6.55 -19.04 -7.92
C GLY B 86 -5.62 -19.30 -9.07
N THR B 87 -6.22 -19.64 -10.22
CA THR B 87 -5.43 -19.99 -11.39
C THR B 87 -4.82 -18.78 -12.08
N VAL B 88 -3.53 -18.88 -12.36
CA VAL B 88 -2.89 -17.94 -13.27
C VAL B 88 -2.85 -18.54 -14.67
N SER B 89 -3.43 -17.83 -15.64
CA SER B 89 -3.47 -18.31 -17.01
C SER B 89 -2.90 -17.28 -17.97
N GLY B 90 -2.30 -17.78 -19.04
CA GLY B 90 -1.83 -16.92 -20.11
C GLY B 90 -1.31 -17.68 -21.32
N PHE B 91 -0.59 -16.97 -22.17
CA PHE B 91 -0.03 -17.59 -23.36
C PHE B 91 1.40 -17.14 -23.61
N LEU B 92 2.12 -17.95 -24.37
CA LEU B 92 3.52 -17.71 -24.66
C LEU B 92 3.69 -16.76 -25.82
N SER B 93 4.62 -15.83 -25.66
CA SER B 93 5.03 -14.91 -26.71
C SER B 93 6.55 -14.82 -26.72
N GLN B 94 7.09 -14.24 -27.79
CA GLN B 94 8.50 -13.95 -27.94
C GLN B 94 8.69 -12.48 -28.24
N ASP B 95 9.62 -11.84 -27.54
CA ASP B 95 10.05 -10.51 -27.92
C ASP B 95 11.41 -10.20 -27.31
N ILE B 96 11.97 -9.06 -27.66
CA ILE B 96 13.26 -8.64 -27.11
C ILE B 96 13.01 -8.01 -25.73
N ILE B 97 13.68 -8.54 -24.70
CA ILE B 97 13.62 -7.95 -23.36
C ILE B 97 14.97 -7.32 -23.07
N THR B 98 14.92 -6.11 -22.53
CA THR B 98 16.11 -5.37 -22.10
C THR B 98 16.18 -5.32 -20.58
N VAL B 99 17.30 -5.80 -20.05
CA VAL B 99 17.50 -5.91 -18.60
C VAL B 99 18.90 -5.40 -18.37
N GLY B 100 19.01 -4.32 -17.61
CA GLY B 100 20.30 -3.67 -17.36
C GLY B 100 21.08 -3.35 -18.64
N GLY B 101 20.36 -3.00 -19.70
CA GLY B 101 20.95 -2.69 -21.01
C GLY B 101 21.22 -3.89 -21.89
N ILE B 102 21.18 -5.10 -21.33
CA ILE B 102 21.39 -6.32 -22.12
C ILE B 102 20.09 -6.66 -22.83
N THR B 103 20.17 -7.01 -24.12
CA THR B 103 18.97 -7.39 -24.89
C THR B 103 18.95 -8.90 -25.10
N VAL B 104 17.80 -9.49 -24.87
CA VAL B 104 17.65 -10.92 -24.98
C VAL B 104 16.38 -11.20 -25.75
N THR B 105 16.45 -12.08 -26.74
CA THR B 105 15.25 -12.58 -27.39
C THR B 105 14.70 -13.67 -26.51
N GLN B 106 13.53 -13.44 -25.92
CA GLN B 106 13.08 -14.22 -24.78
C GLN B 106 11.63 -14.68 -24.92
N MET B 107 11.35 -15.92 -24.51
CA MET B 107 9.99 -16.41 -24.42
C MET B 107 9.42 -16.02 -23.06
N PHE B 108 8.20 -15.52 -23.06
CA PHE B 108 7.58 -15.09 -21.82
C PHE B 108 6.08 -15.29 -21.84
N GLY B 109 5.49 -15.27 -20.66
CA GLY B 109 4.04 -15.45 -20.51
C GLY B 109 3.31 -14.13 -20.45
N GLU B 110 2.26 -13.99 -21.27
CA GLU B 110 1.34 -12.87 -21.16
C GLU B 110 0.16 -13.38 -20.33
N VAL B 111 -0.07 -12.77 -19.17
CA VAL B 111 -1.15 -13.19 -18.28
C VAL B 111 -2.48 -12.58 -18.76
N THR B 112 -3.49 -13.44 -18.86
CA THR B 112 -4.83 -13.00 -19.29
C THR B 112 -5.85 -13.25 -18.19
N GLU B 113 -5.46 -14.02 -17.16
CA GLU B 113 -6.28 -14.24 -15.96
C GLU B 113 -5.39 -14.51 -14.75
N MET B 114 -5.69 -13.85 -13.64
CA MET B 114 -5.06 -14.12 -12.35
C MET B 114 -5.94 -13.64 -11.20
N PRO B 115 -5.87 -14.27 -10.02
CA PRO B 115 -6.68 -13.82 -8.89
C PRO B 115 -6.31 -12.44 -8.34
N ALA B 116 -7.31 -11.76 -7.78
CA ALA B 116 -7.12 -10.45 -7.16
C ALA B 116 -6.18 -10.54 -5.96
N LEU B 117 -6.31 -11.60 -5.18
CA LEU B 117 -5.43 -11.80 -4.04
C LEU B 117 -4.37 -12.85 -4.41
N PRO B 118 -3.09 -12.57 -4.21
CA PRO B 118 -2.55 -11.30 -3.70
C PRO B 118 -2.17 -10.27 -4.77
N PHE B 119 -2.40 -10.58 -6.05
CA PHE B 119 -1.75 -9.82 -7.12
C PHE B 119 -2.23 -8.40 -7.35
N MET B 120 -3.45 -8.06 -6.95
CA MET B 120 -3.87 -6.69 -7.19
C MET B 120 -3.10 -5.70 -6.31
N LEU B 121 -2.63 -6.17 -5.16
CA LEU B 121 -1.86 -5.35 -4.18
C LEU B 121 -0.39 -5.21 -4.53
N ALA B 122 0.08 -5.97 -5.52
CA ALA B 122 1.46 -5.88 -5.95
C ALA B 122 1.79 -4.51 -6.54
N GLU B 123 2.89 -3.92 -6.12
CA GLU B 123 3.35 -2.67 -6.72
C GLU B 123 3.99 -2.90 -8.07
N PHE B 124 4.42 -4.13 -8.30
CA PHE B 124 5.10 -4.47 -9.53
C PHE B 124 4.09 -5.04 -10.55
N ASP B 125 4.52 -5.05 -11.80
CA ASP B 125 3.68 -5.47 -12.94
C ASP B 125 3.94 -6.91 -13.35
N GLY B 126 5.10 -7.47 -12.99
CA GLY B 126 5.42 -8.81 -13.51
C GLY B 126 6.57 -9.45 -12.75
N VAL B 127 7.00 -10.61 -13.24
CA VAL B 127 7.99 -11.42 -12.52
C VAL B 127 8.99 -11.92 -13.53
N VAL B 128 10.29 -11.85 -13.18
CA VAL B 128 11.36 -12.42 -13.98
C VAL B 128 11.98 -13.52 -13.17
N GLY B 129 11.71 -14.76 -13.58
CA GLY B 129 12.19 -15.94 -12.82
C GLY B 129 13.69 -16.12 -13.07
N MET B 130 14.45 -16.21 -11.98
CA MET B 130 15.92 -16.39 -12.04
C MET B 130 16.32 -17.79 -11.58
N GLY B 131 15.32 -18.67 -11.52
CA GLY B 131 15.56 -20.10 -11.24
C GLY B 131 15.97 -20.87 -12.49
N PHE B 132 16.01 -22.19 -12.36
CA PHE B 132 16.59 -23.04 -13.40
C PHE B 132 15.55 -23.56 -14.37
N ILE B 133 16.00 -23.97 -15.56
CA ILE B 133 15.07 -24.47 -16.60
C ILE B 133 14.26 -25.68 -16.12
N GLU B 134 14.82 -26.45 -15.18
CA GLU B 134 14.13 -27.62 -14.66
C GLU B 134 12.73 -27.32 -14.13
N GLN B 135 12.52 -26.09 -13.65
CA GLN B 135 11.25 -25.67 -13.09
C GLN B 135 10.52 -24.64 -13.96
N ALA B 136 11.01 -24.37 -15.16
CA ALA B 136 10.29 -23.46 -16.07
C ALA B 136 9.07 -24.17 -16.66
N ILE B 137 7.92 -23.51 -16.58
N ILE B 137 7.91 -23.55 -16.56
CA ILE B 137 6.67 -24.00 -17.16
CA ILE B 137 6.69 -24.16 -17.11
C ILE B 137 6.86 -24.07 -18.66
C ILE B 137 6.71 -24.04 -18.62
N GLY B 138 6.34 -25.12 -19.29
CA GLY B 138 6.51 -25.29 -20.73
C GLY B 138 7.96 -25.49 -21.14
N ARG B 139 8.82 -25.72 -20.13
CA ARG B 139 10.26 -25.94 -20.29
C ARG B 139 10.98 -24.84 -21.12
N VAL B 140 10.45 -23.62 -21.11
CA VAL B 140 11.06 -22.55 -21.91
C VAL B 140 12.33 -22.03 -21.24
N THR B 141 13.27 -21.59 -22.05
CA THR B 141 14.60 -21.19 -21.57
C THR B 141 14.50 -19.90 -20.74
N PRO B 142 14.91 -19.95 -19.47
CA PRO B 142 14.88 -18.76 -18.60
C PRO B 142 15.79 -17.63 -19.09
N ILE B 143 15.51 -16.40 -18.69
CA ILE B 143 16.26 -15.26 -19.19
C ILE B 143 17.75 -15.33 -18.86
N PHE B 144 18.09 -15.80 -17.66
CA PHE B 144 19.53 -15.79 -17.32
C PHE B 144 20.29 -16.78 -18.21
N ASP B 145 19.64 -17.91 -18.51
CA ASP B 145 20.23 -18.91 -19.41
C ASP B 145 20.50 -18.29 -20.78
N ASN B 146 19.56 -17.49 -21.26
CA ASN B 146 19.74 -16.79 -22.55
C ASN B 146 20.85 -15.76 -22.52
N ILE B 147 21.03 -15.10 -21.38
CA ILE B 147 22.17 -14.19 -21.18
C ILE B 147 23.48 -14.95 -21.08
N ILE B 148 23.49 -16.10 -20.37
CA ILE B 148 24.69 -16.97 -20.33
C ILE B 148 25.13 -17.35 -21.75
N SER B 149 24.17 -17.63 -22.61
CA SER B 149 24.48 -18.11 -23.96
C SER B 149 25.07 -17.02 -24.84
N GLN B 150 24.85 -15.73 -24.51
CA GLN B 150 25.48 -14.65 -25.28
C GLN B 150 27.00 -14.50 -25.02
N GLY B 151 27.49 -15.09 -23.92
CA GLY B 151 28.91 -15.01 -23.56
C GLY B 151 29.38 -13.59 -23.30
N VAL B 152 28.50 -12.78 -22.71
CA VAL B 152 28.77 -11.37 -22.48
C VAL B 152 29.26 -11.12 -21.05
N LEU B 153 28.80 -11.93 -20.11
CA LEU B 153 29.08 -11.66 -18.69
C LEU B 153 30.49 -12.09 -18.26
N LYS B 154 31.09 -11.33 -17.34
CA LYS B 154 32.39 -11.70 -16.74
C LYS B 154 32.37 -13.13 -16.17
N GLU B 155 31.32 -13.48 -15.43
CA GLU B 155 31.16 -14.85 -14.94
C GLU B 155 29.67 -15.20 -14.89
N ASP B 156 29.38 -16.50 -14.82
CA ASP B 156 28.00 -16.99 -14.82
C ASP B 156 27.39 -16.94 -13.43
N VAL B 157 27.27 -15.72 -12.92
CA VAL B 157 26.67 -15.46 -11.62
C VAL B 157 25.82 -14.22 -11.66
N PHE B 158 24.91 -14.12 -10.69
CA PHE B 158 24.21 -12.86 -10.50
C PHE B 158 24.06 -12.65 -9.01
N SER B 159 23.92 -11.39 -8.58
N SER B 159 23.91 -11.40 -8.57
CA SER B 159 23.96 -11.04 -7.15
CA SER B 159 23.84 -11.17 -7.15
C SER B 159 22.88 -10.05 -6.75
C SER B 159 22.79 -10.15 -6.79
N PHE B 160 22.38 -10.20 -5.51
CA PHE B 160 21.32 -9.32 -4.99
C PHE B 160 21.75 -8.55 -3.76
N TYR B 161 21.51 -7.24 -3.84
CA TYR B 161 21.53 -6.35 -2.69
C TYR B 161 20.12 -5.87 -2.43
N TYR B 162 19.65 -6.10 -1.21
CA TYR B 162 18.39 -5.52 -0.73
C TYR B 162 18.65 -4.59 0.45
N ASN B 163 18.23 -3.36 0.34
CA ASN B 163 18.42 -2.38 1.40
C ASN B 163 17.27 -2.46 2.42
N ARG B 164 17.54 -1.93 3.61
CA ARG B 164 16.50 -1.67 4.60
C ARG B 164 15.63 -0.53 4.10
N ASP B 165 14.35 -0.60 4.46
CA ASP B 165 13.39 0.42 4.05
C ASP B 165 13.82 1.74 4.69
N SER B 166 13.92 2.77 3.87
CA SER B 166 14.49 4.07 4.28
C SER B 166 13.56 5.23 3.93
N SER B 171 20.23 6.33 -1.10
CA SER B 171 19.41 5.27 -0.53
C SER B 171 18.76 4.42 -1.62
N LEU B 172 19.56 3.56 -2.24
CA LEU B 172 19.09 2.58 -3.22
C LEU B 172 18.22 1.57 -2.50
N GLY B 173 17.03 1.29 -3.02
CA GLY B 173 16.18 0.22 -2.48
C GLY B 173 16.83 -1.14 -2.59
N GLY B 174 17.60 -1.32 -3.67
CA GLY B 174 18.35 -2.56 -3.91
C GLY B 174 19.08 -2.53 -5.25
N GLN B 175 19.77 -3.62 -5.57
CA GLN B 175 20.50 -3.70 -6.81
C GLN B 175 20.77 -5.15 -7.15
N ILE B 176 20.53 -5.47 -8.41
N ILE B 176 20.52 -5.52 -8.40
CA ILE B 176 21.00 -6.72 -8.97
CA ILE B 176 20.94 -6.83 -8.89
C ILE B 176 22.21 -6.46 -9.83
C ILE B 176 22.06 -6.63 -9.91
N VAL B 177 23.18 -7.35 -9.72
CA VAL B 177 24.33 -7.30 -10.66
C VAL B 177 24.31 -8.59 -11.46
N LEU B 178 24.33 -8.46 -12.79
CA LEU B 178 24.46 -9.62 -13.65
C LEU B 178 25.92 -9.78 -14.06
N GLY B 179 26.52 -10.93 -13.75
CA GLY B 179 27.91 -11.21 -14.11
C GLY B 179 28.90 -11.07 -12.99
N GLY B 180 28.44 -10.66 -11.80
CA GLY B 180 29.36 -10.51 -10.66
C GLY B 180 28.67 -10.00 -9.42
N SER B 181 29.44 -9.36 -8.56
CA SER B 181 28.93 -8.72 -7.34
C SER B 181 29.52 -7.32 -7.18
N ASP B 182 28.84 -6.46 -6.45
CA ASP B 182 29.25 -5.06 -6.28
C ASP B 182 29.78 -4.84 -4.87
N PRO B 183 31.11 -4.65 -4.72
CA PRO B 183 31.69 -4.51 -3.39
C PRO B 183 31.28 -3.23 -2.65
N GLN B 184 30.66 -2.28 -3.34
CA GLN B 184 30.09 -1.13 -2.67
C GLN B 184 28.98 -1.53 -1.68
N HIS B 185 28.38 -2.70 -1.89
CA HIS B 185 27.19 -3.12 -1.13
C HIS B 185 27.38 -4.33 -0.24
N TYR B 186 28.61 -4.80 -0.11
CA TYR B 186 28.88 -5.83 0.89
C TYR B 186 30.21 -5.56 1.55
N GLU B 187 30.41 -6.18 2.69
CA GLU B 187 31.71 -6.07 3.33
C GLU B 187 32.28 -7.45 3.60
N GLY B 188 33.59 -7.51 3.84
CA GLY B 188 34.22 -8.81 4.03
C GLY B 188 34.17 -9.67 2.79
N ASN B 189 34.18 -10.98 3.01
CA ASN B 189 34.33 -11.94 1.95
C ASN B 189 33.13 -12.87 1.86
N PHE B 190 32.83 -13.34 0.65
CA PHE B 190 31.80 -14.35 0.48
C PHE B 190 32.23 -15.70 1.06
N HIS B 191 31.26 -16.40 1.65
N HIS B 191 31.30 -16.38 1.72
CA HIS B 191 31.34 -17.82 2.00
CA HIS B 191 31.38 -17.82 1.92
C HIS B 191 30.20 -18.55 1.29
C HIS B 191 30.26 -18.45 1.12
N TYR B 192 30.52 -19.64 0.61
CA TYR B 192 29.60 -20.31 -0.31
C TYR B 192 29.11 -21.60 0.26
N ILE B 193 27.88 -21.93 -0.12
CA ILE B 193 27.29 -23.22 0.18
C ILE B 193 26.86 -23.85 -1.14
N ASN B 194 27.21 -25.12 -1.35
CA ASN B 194 26.85 -25.82 -2.58
C ASN B 194 25.36 -26.19 -2.60
N LEU B 195 24.75 -26.13 -3.79
CA LEU B 195 23.38 -26.59 -3.96
C LEU B 195 23.29 -28.09 -3.70
N ILE B 196 22.20 -28.53 -3.07
CA ILE B 196 21.93 -29.95 -2.93
C ILE B 196 21.93 -30.61 -4.32
N LYS B 197 21.22 -29.96 -5.25
CA LYS B 197 21.25 -30.36 -6.65
C LYS B 197 20.98 -29.19 -7.56
N THR B 198 21.54 -29.27 -8.76
CA THR B 198 21.22 -28.31 -9.83
C THR B 198 19.70 -28.34 -10.11
N GLY B 199 19.14 -27.21 -10.52
CA GLY B 199 17.71 -27.14 -10.81
C GLY B 199 16.86 -26.34 -9.83
N VAL B 200 17.35 -26.18 -8.61
N VAL B 200 17.37 -26.16 -8.60
CA VAL B 200 16.72 -25.32 -7.61
CA VAL B 200 16.68 -25.42 -7.53
C VAL B 200 17.80 -24.56 -6.88
C VAL B 200 17.70 -24.65 -6.69
N TRP B 201 17.45 -23.36 -6.42
CA TRP B 201 18.34 -22.56 -5.54
C TRP B 201 18.11 -22.91 -4.08
N GLN B 202 18.50 -24.13 -3.73
CA GLN B 202 18.26 -24.68 -2.40
C GLN B 202 19.50 -25.38 -1.85
N ILE B 203 19.77 -25.10 -0.58
CA ILE B 203 20.96 -25.58 0.13
C ILE B 203 20.60 -26.31 1.41
N GLN B 204 21.55 -27.07 1.92
CA GLN B 204 21.41 -27.72 3.23
C GLN B 204 21.56 -26.69 4.35
N MET B 205 20.74 -26.83 5.39
CA MET B 205 20.86 -25.99 6.57
C MET B 205 21.15 -26.95 7.74
N LYS B 206 22.07 -26.56 8.61
CA LYS B 206 22.61 -27.47 9.63
C LYS B 206 22.01 -27.24 11.00
N GLY B 207 21.35 -26.11 11.18
CA GLY B 207 20.68 -25.80 12.43
C GLY B 207 20.18 -24.36 12.47
N VAL B 208 19.14 -24.12 13.25
CA VAL B 208 18.66 -22.75 13.52
C VAL B 208 18.73 -22.50 15.01
N SER B 209 19.50 -21.50 15.41
CA SER B 209 19.75 -21.20 16.81
C SER B 209 18.98 -19.98 17.30
N VAL B 210 18.50 -20.07 18.53
CA VAL B 210 17.91 -18.92 19.20
C VAL B 210 18.84 -18.55 20.35
N GLY B 211 19.43 -17.36 20.28
CA GLY B 211 20.40 -16.93 21.28
C GLY B 211 21.66 -17.76 21.15
N SER B 212 22.12 -18.31 22.29
CA SER B 212 23.37 -19.09 22.33
C SER B 212 23.19 -20.56 21.97
N SER B 213 21.95 -21.01 21.79
CA SER B 213 21.67 -22.45 21.66
C SER B 213 20.85 -22.82 20.44
N THR B 214 21.15 -24.01 19.88
CA THR B 214 20.41 -24.57 18.76
C THR B 214 19.03 -25.02 19.24
N LEU B 215 18.02 -24.74 18.44
CA LEU B 215 16.65 -25.10 18.79
C LEU B 215 15.98 -25.93 17.69
N LEU B 216 16.32 -25.64 16.43
CA LEU B 216 15.67 -26.27 15.30
C LEU B 216 16.69 -26.85 14.34
N CYS B 217 16.24 -27.79 13.52
CA CYS B 217 17.02 -28.29 12.38
C CYS B 217 18.33 -29.02 12.77
N GLU B 218 18.35 -29.59 13.98
CA GLU B 218 19.55 -30.29 14.49
C GLU B 218 19.94 -31.47 13.61
N ASP B 219 18.93 -32.13 13.02
CA ASP B 219 19.16 -33.24 12.10
C ASP B 219 19.23 -32.80 10.63
N GLY B 220 19.34 -31.49 10.41
CA GLY B 220 19.40 -30.96 9.05
C GLY B 220 18.04 -30.66 8.45
N CYS B 221 18.03 -29.71 7.53
CA CYS B 221 16.84 -29.34 6.79
C CYS B 221 17.30 -28.59 5.54
N LEU B 222 16.32 -28.11 4.76
CA LEU B 222 16.59 -27.45 3.49
C LEU B 222 16.25 -25.97 3.61
N ALA B 223 16.98 -25.17 2.83
CA ALA B 223 16.69 -23.76 2.74
C ALA B 223 16.70 -23.32 1.28
N LEU B 224 15.53 -22.90 0.79
CA LEU B 224 15.40 -22.27 -0.53
C LEU B 224 15.79 -20.81 -0.33
N VAL B 225 16.65 -20.29 -1.22
CA VAL B 225 17.10 -18.90 -1.15
C VAL B 225 16.31 -18.18 -2.24
N ASP B 226 15.24 -17.51 -1.79
CA ASP B 226 14.18 -17.06 -2.69
C ASP B 226 14.04 -15.54 -2.70
N THR B 227 14.62 -14.90 -3.72
CA THR B 227 14.64 -13.43 -3.78
C THR B 227 13.27 -12.81 -3.99
N GLY B 228 12.32 -13.60 -4.45
CA GLY B 228 10.97 -13.09 -4.68
C GLY B 228 10.06 -13.25 -3.47
N ALA B 229 10.57 -13.86 -2.40
CA ALA B 229 9.79 -14.07 -1.19
C ALA B 229 10.07 -12.93 -0.19
N SER B 230 9.04 -12.43 0.51
CA SER B 230 9.24 -11.26 1.38
C SER B 230 10.01 -11.58 2.67
N TYR B 231 9.78 -12.78 3.19
CA TYR B 231 10.20 -13.09 4.55
C TYR B 231 11.14 -14.26 4.64
N ILE B 232 11.62 -14.51 5.85
CA ILE B 232 12.11 -15.83 6.17
C ILE B 232 10.86 -16.66 6.53
N SER B 233 10.74 -17.83 5.93
CA SER B 233 9.63 -18.72 6.29
C SER B 233 10.13 -20.12 6.61
N GLY B 234 9.38 -20.81 7.45
CA GLY B 234 9.62 -22.21 7.75
C GLY B 234 8.28 -22.91 7.75
N SER B 235 8.30 -24.23 7.86
CA SER B 235 7.06 -25.00 8.02
C SER B 235 6.29 -24.44 9.23
N THR B 236 4.98 -24.64 9.23
CA THR B 236 4.13 -24.26 10.36
C THR B 236 4.70 -24.75 11.70
N SER B 237 5.02 -26.03 11.77
CA SER B 237 5.56 -26.66 12.98
C SER B 237 6.90 -26.07 13.42
N SER B 238 7.84 -25.85 12.49
CA SER B 238 9.08 -25.14 12.80
C SER B 238 8.84 -23.73 13.35
N ILE B 239 7.95 -22.97 12.70
CA ILE B 239 7.72 -21.58 13.10
C ILE B 239 6.96 -21.48 14.42
N GLU B 240 6.06 -22.42 14.68
CA GLU B 240 5.42 -22.47 16.01
C GLU B 240 6.47 -22.57 17.11
N LYS B 241 7.40 -23.52 16.95
CA LYS B 241 8.52 -23.72 17.86
C LYS B 241 9.37 -22.47 18.01
N LEU B 242 9.75 -21.89 16.87
CA LEU B 242 10.54 -20.68 16.89
C LEU B 242 9.87 -19.54 17.64
N MET B 243 8.61 -19.28 17.31
CA MET B 243 7.87 -18.15 17.88
C MET B 243 7.65 -18.31 19.39
N GLU B 244 7.48 -19.55 19.83
CA GLU B 244 7.46 -19.89 21.25
C GLU B 244 8.72 -19.43 21.95
N ALA B 245 9.87 -19.70 21.33
CA ALA B 245 11.17 -19.36 21.89
C ALA B 245 11.42 -17.86 21.94
N LEU B 246 10.78 -17.12 21.04
CA LEU B 246 10.99 -15.68 20.93
C LEU B 246 10.01 -14.87 21.77
N GLY B 247 8.97 -15.55 22.25
CA GLY B 247 7.88 -14.91 23.00
C GLY B 247 6.92 -14.13 22.13
N ALA B 248 6.75 -14.60 20.88
CA ALA B 248 5.87 -13.93 19.94
C ALA B 248 4.51 -14.60 19.88
N LYS B 249 3.49 -13.81 19.58
CA LYS B 249 2.10 -14.28 19.60
C LYS B 249 1.52 -14.30 18.20
N LYS B 250 0.78 -15.35 17.87
CA LYS B 250 0.15 -15.47 16.56
C LYS B 250 -1.08 -14.58 16.43
N ARG B 251 -1.12 -13.79 15.36
CA ARG B 251 -2.34 -13.13 14.92
C ARG B 251 -2.85 -13.81 13.66
N LEU B 252 -3.87 -13.25 13.03
CA LEU B 252 -4.46 -13.85 11.83
C LEU B 252 -3.45 -14.16 10.72
N PHE B 253 -2.61 -13.19 10.37
CA PHE B 253 -1.73 -13.34 9.21
C PHE B 253 -0.23 -13.27 9.54
N ASP B 254 0.08 -13.01 10.80
CA ASP B 254 1.46 -12.80 11.21
C ASP B 254 1.72 -13.13 12.68
N TYR B 255 2.93 -12.83 13.14
CA TYR B 255 3.31 -12.93 14.55
C TYR B 255 3.73 -11.58 15.08
N VAL B 256 3.43 -11.35 16.36
CA VAL B 256 3.70 -10.07 16.98
C VAL B 256 4.36 -10.16 18.35
N VAL B 257 5.15 -9.13 18.66
CA VAL B 257 5.60 -8.85 20.02
C VAL B 257 5.17 -7.43 20.36
N LYS B 258 5.19 -7.10 21.65
CA LYS B 258 4.98 -5.73 22.09
C LYS B 258 6.17 -4.91 21.58
N CYS B 259 5.89 -3.75 21.01
CA CYS B 259 6.94 -2.97 20.33
C CYS B 259 8.13 -2.65 21.22
N ASN B 260 7.89 -2.49 22.52
CA ASN B 260 8.96 -2.13 23.46
C ASN B 260 9.88 -3.30 23.81
N GLU B 261 9.40 -4.52 23.57
CA GLU B 261 10.15 -5.73 23.88
C GLU B 261 10.94 -6.23 22.67
N GLY B 262 10.66 -5.66 21.51
CA GLY B 262 11.37 -5.96 20.26
C GLY B 262 12.90 -5.98 20.41
N PRO B 263 13.49 -4.85 20.80
CA PRO B 263 14.96 -4.75 20.95
C PRO B 263 15.62 -5.79 21.85
N THR B 264 14.86 -6.39 22.76
CA THR B 264 15.40 -7.32 23.75
C THR B 264 15.36 -8.77 23.26
N LEU B 265 14.65 -9.02 22.15
CA LEU B 265 14.54 -10.36 21.57
C LEU B 265 15.91 -10.92 21.21
N PRO B 266 16.08 -12.24 21.29
CA PRO B 266 17.39 -12.88 21.05
C PRO B 266 17.76 -12.98 19.57
N ASP B 267 19.06 -13.02 19.29
CA ASP B 267 19.59 -13.26 17.95
C ASP B 267 19.08 -14.62 17.46
N ILE B 268 18.79 -14.74 16.15
CA ILE B 268 18.50 -16.03 15.54
C ILE B 268 19.65 -16.34 14.58
N SER B 269 20.16 -17.58 14.58
CA SER B 269 21.26 -17.94 13.67
C SER B 269 20.93 -19.12 12.79
N PHE B 270 21.29 -19.02 11.50
CA PHE B 270 21.09 -20.06 10.51
C PHE B 270 22.45 -20.62 10.16
N HIS B 271 22.63 -21.93 10.37
CA HIS B 271 23.93 -22.56 10.13
C HIS B 271 23.95 -23.08 8.72
N LEU B 272 24.71 -22.40 7.86
CA LEU B 272 24.71 -22.70 6.45
C LEU B 272 26.16 -22.90 6.05
N GLY B 273 26.50 -24.08 5.52
N GLY B 273 26.50 -24.11 5.62
CA GLY B 273 27.88 -24.36 5.12
CA GLY B 273 27.84 -24.43 5.13
C GLY B 273 28.78 -24.30 6.34
C GLY B 273 29.00 -24.15 6.06
N GLY B 274 29.86 -23.52 6.22
N GLY B 274 28.75 -24.12 7.37
CA GLY B 274 30.81 -23.36 7.30
CA GLY B 274 29.84 -23.94 8.34
C GLY B 274 30.68 -22.05 8.07
C GLY B 274 30.16 -22.52 8.77
N LYS B 275 29.46 -21.53 8.19
CA LYS B 275 29.29 -20.23 8.87
C LYS B 275 27.93 -20.15 9.60
N GLU B 276 27.91 -19.35 10.67
CA GLU B 276 26.66 -18.98 11.34
C GLU B 276 26.20 -17.63 10.80
N TYR B 277 24.99 -17.61 10.23
CA TYR B 277 24.40 -16.38 9.72
C TYR B 277 23.41 -15.83 10.75
N THR B 278 23.78 -14.73 11.39
CA THR B 278 22.99 -14.21 12.49
C THR B 278 22.17 -13.01 12.12
N LEU B 279 20.88 -13.08 12.46
CA LEU B 279 20.00 -11.94 12.43
C LEU B 279 19.68 -11.48 13.85
N THR B 280 19.85 -10.18 14.11
CA THR B 280 19.48 -9.62 15.43
C THR B 280 18.00 -9.22 15.39
N SER B 281 17.45 -8.85 16.54
CA SER B 281 16.04 -8.44 16.58
C SER B 281 15.80 -7.24 15.66
N ALA B 282 16.78 -6.35 15.55
CA ALA B 282 16.69 -5.22 14.64
C ALA B 282 16.48 -5.68 13.20
N ASP B 283 16.95 -6.89 12.88
CA ASP B 283 16.87 -7.41 11.52
C ASP B 283 15.58 -8.13 11.23
N TYR B 284 14.85 -8.56 12.26
CA TYR B 284 13.66 -9.35 12.02
C TYR B 284 12.37 -8.83 12.66
N VAL B 285 12.46 -7.68 13.32
CA VAL B 285 11.27 -7.03 13.85
C VAL B 285 11.03 -5.74 13.07
N PHE B 286 9.78 -5.52 12.65
CA PHE B 286 9.38 -4.25 12.06
C PHE B 286 9.08 -3.30 13.19
N GLN B 287 10.12 -2.60 13.61
CA GLN B 287 10.12 -1.74 14.79
C GLN B 287 9.48 -0.38 14.44
N GLU B 288 8.20 -0.41 14.08
CA GLU B 288 7.43 0.77 13.68
C GLU B 288 7.18 1.75 14.84
N SER B 289 7.19 1.22 16.06
CA SER B 289 7.15 2.05 17.27
C SER B 289 8.00 1.37 18.34
N TYR B 290 8.16 2.04 19.49
CA TYR B 290 8.81 1.44 20.65
C TYR B 290 7.85 1.38 21.84
N SER B 291 6.57 1.59 21.55
CA SER B 291 5.54 1.71 22.58
C SER B 291 5.11 0.37 23.20
N SER B 292 4.93 0.39 24.52
CA SER B 292 4.44 -0.77 25.26
C SER B 292 2.97 -1.03 24.98
N LYS B 293 2.34 -0.09 24.27
CA LYS B 293 0.92 -0.11 23.97
C LYS B 293 0.69 -0.62 22.54
N LYS B 294 1.76 -0.75 21.78
CA LYS B 294 1.68 -1.12 20.37
C LYS B 294 2.25 -2.50 20.09
N LEU B 295 1.72 -3.15 19.05
CA LEU B 295 2.20 -4.45 18.60
C LEU B 295 3.06 -4.29 17.34
N CYS B 296 4.17 -5.01 17.30
CA CYS B 296 5.08 -4.98 16.15
C CYS B 296 5.21 -6.35 15.53
N THR B 297 5.08 -6.43 14.20
CA THR B 297 5.14 -7.75 13.54
C THR B 297 6.57 -8.18 13.21
N LEU B 298 6.77 -9.48 13.17
CA LEU B 298 8.07 -10.04 12.81
C LEU B 298 8.12 -10.39 11.33
N ALA B 299 9.31 -10.23 10.76
CA ALA B 299 9.54 -10.48 9.35
C ALA B 299 9.78 -11.96 9.06
N ILE B 300 9.04 -12.81 9.78
CA ILE B 300 9.19 -14.26 9.69
C ILE B 300 7.79 -14.85 9.74
N HIS B 301 7.51 -15.77 8.83
CA HIS B 301 6.17 -16.34 8.67
C HIS B 301 6.22 -17.86 8.47
N ALA B 302 5.10 -18.53 8.69
CA ALA B 302 4.98 -19.92 8.32
C ALA B 302 4.58 -20.05 6.85
N MET B 303 5.20 -21.00 6.15
CA MET B 303 4.79 -21.37 4.82
C MET B 303 5.13 -22.82 4.54
N ASP B 304 4.09 -23.63 4.34
CA ASP B 304 4.28 -25.03 4.04
C ASP B 304 4.40 -25.19 2.54
N ILE B 305 5.64 -25.38 2.08
CA ILE B 305 5.92 -25.45 0.66
C ILE B 305 5.80 -26.90 0.21
N PRO B 306 4.99 -27.14 -0.83
CA PRO B 306 4.75 -28.50 -1.29
C PRO B 306 5.98 -29.15 -1.94
N PRO B 307 6.06 -30.48 -1.89
CA PRO B 307 6.98 -31.23 -2.72
C PRO B 307 6.71 -30.93 -4.20
N PRO B 308 7.73 -31.06 -5.05
CA PRO B 308 9.03 -31.63 -4.70
C PRO B 308 9.99 -30.70 -3.92
N THR B 309 9.89 -29.38 -4.17
CA THR B 309 10.79 -28.41 -3.55
C THR B 309 10.78 -28.46 -2.02
N GLY B 310 9.59 -28.52 -1.43
CA GLY B 310 9.43 -28.56 0.02
C GLY B 310 9.09 -29.95 0.52
N PRO B 311 8.96 -30.13 1.83
CA PRO B 311 9.01 -29.04 2.84
C PRO B 311 10.39 -28.42 2.95
N THR B 312 10.43 -27.11 3.17
CA THR B 312 11.69 -26.37 3.24
C THR B 312 11.52 -25.02 3.94
N TRP B 313 12.59 -24.51 4.56
CA TRP B 313 12.65 -23.12 4.89
C TRP B 313 12.87 -22.33 3.61
N ALA B 314 12.43 -21.07 3.64
CA ALA B 314 12.74 -20.13 2.55
C ALA B 314 13.43 -18.94 3.15
N LEU B 315 14.60 -18.61 2.60
CA LEU B 315 15.31 -17.44 3.07
C LEU B 315 15.02 -16.37 2.03
N GLY B 316 14.04 -15.53 2.34
CA GLY B 316 13.65 -14.42 1.44
C GLY B 316 14.25 -13.07 1.83
N ALA B 317 13.50 -12.00 1.57
CA ALA B 317 14.07 -10.67 1.70
C ALA B 317 14.61 -10.36 3.09
N THR B 318 13.95 -10.89 4.14
CA THR B 318 14.44 -10.63 5.49
C THR B 318 15.90 -11.03 5.61
N PHE B 319 16.23 -12.16 5.00
CA PHE B 319 17.59 -12.70 5.09
C PHE B 319 18.53 -11.94 4.15
N ILE B 320 18.06 -11.66 2.93
CA ILE B 320 18.90 -11.03 1.92
C ILE B 320 19.26 -9.59 2.34
N ARG B 321 18.36 -8.91 3.03
CA ARG B 321 18.68 -7.56 3.51
C ARG B 321 19.96 -7.59 4.36
N LYS B 322 20.11 -8.63 5.18
CA LYS B 322 21.29 -8.74 6.06
C LYS B 322 22.50 -9.27 5.30
N PHE B 323 22.26 -10.21 4.36
CA PHE B 323 23.36 -10.88 3.67
C PHE B 323 23.24 -10.74 2.17
N TYR B 324 24.06 -9.86 1.62
CA TYR B 324 24.27 -9.75 0.15
C TYR B 324 24.48 -11.15 -0.41
N THR B 325 23.76 -11.48 -1.51
CA THR B 325 23.69 -12.89 -1.96
C THR B 325 24.16 -13.03 -3.39
N GLU B 326 25.12 -13.92 -3.62
CA GLU B 326 25.61 -14.19 -4.97
C GLU B 326 25.13 -15.58 -5.37
N PHE B 327 24.45 -15.67 -6.52
CA PHE B 327 23.94 -16.94 -7.05
C PHE B 327 24.87 -17.37 -8.19
N ASP B 328 25.59 -18.49 -7.97
CA ASP B 328 26.71 -18.90 -8.82
C ASP B 328 26.30 -20.13 -9.65
N ARG B 329 25.97 -19.89 -10.92
CA ARG B 329 25.56 -20.96 -11.85
C ARG B 329 26.73 -21.80 -12.32
N ARG B 330 27.90 -21.19 -12.44
CA ARG B 330 29.12 -21.91 -12.87
C ARG B 330 29.46 -23.06 -11.93
N ASN B 331 29.31 -22.83 -10.63
CA ASN B 331 29.73 -23.76 -9.59
C ASN B 331 28.58 -24.35 -8.81
N ASN B 332 27.35 -24.03 -9.21
CA ASN B 332 26.16 -24.49 -8.48
C ASN B 332 26.28 -24.28 -6.97
N ARG B 333 26.36 -23.01 -6.58
CA ARG B 333 26.48 -22.67 -5.19
C ARG B 333 25.95 -21.26 -4.95
N ILE B 334 25.73 -20.95 -3.67
CA ILE B 334 25.25 -19.62 -3.28
C ILE B 334 26.22 -19.05 -2.28
N GLY B 335 26.60 -17.79 -2.46
CA GLY B 335 27.52 -17.16 -1.54
C GLY B 335 26.83 -16.04 -0.80
N PHE B 336 27.25 -15.84 0.45
CA PHE B 336 26.70 -14.79 1.26
C PHE B 336 27.83 -13.93 1.80
N ALA B 337 27.59 -12.63 1.87
CA ALA B 337 28.48 -11.66 2.54
C ALA B 337 27.61 -10.65 3.29
N LEU B 338 28.10 -10.10 4.40
CA LEU B 338 27.30 -9.09 5.11
C LEU B 338 27.02 -7.88 4.19
N ALA B 339 25.75 -7.47 4.07
CA ALA B 339 25.44 -6.34 3.21
C ALA B 339 25.92 -5.09 3.90
N ARG B 340 26.30 -4.11 3.09
CA ARG B 340 26.78 -2.83 3.58
C ARG B 340 25.69 -1.82 3.22
N HIS B 341 25.17 -1.16 4.24
CA HIS B 341 24.02 -0.27 4.06
C HIS B 341 24.41 1.20 4.19
#